data_6FUY
#
_entry.id   6FUY
#
_cell.length_a   97.810
_cell.length_b   97.810
_cell.length_c   233.770
_cell.angle_alpha   90.00
_cell.angle_beta   90.00
_cell.angle_gamma   120.00
#
_symmetry.space_group_name_H-M   'P 31 2 1'
#
loop_
_entity.id
_entity.type
_entity.pdbx_description
1 polymer Vinculin
2 non-polymer 'CALCIUM ION'
3 water water
#
_entity_poly.entity_id   1
_entity_poly.type   'polypeptide(L)'
_entity_poly.pdbx_seq_one_letter_code
;MPVFHTRTIESILEPVAQQISHLVIMHEEGEVDGKAIPDLTAPVAAVQAAVSNLVRVGKETVQTTEDQILKRDMPPAFIK
VENACTKLVQAAQMLQSDPYSVPARDYLIDGSRGILSGTSDLLLTFDEAEVRKIIRVCKGILEYLTVAEVVETMEDLVTY
TKNLGPGMTKMAKMIDERQQELTHQEHRVMLVNSMNTVKELLPVLISAMKIFVTTKNSKNQGIEEALKNRNFTVEKMSAE
INEIIRVLQLTSWDEDAWASKDTEAMKRALASIDSKLNQAKGWLRDPSASPGDAGEQAIRQILDEAGKVGELCAGKERRE
ILGTCKMLGQMTDQVADLRARGQGSSPVAMQKAQQVSQGLDVLTAKVENAARKLEAMTNSKQSIAKKIDAAQNWLADPNG
GPEGEEQIRGALAEARKIAELCDDPKERDDILRSLGEISALTSKLADLRRQGKGDSPEARALAKQVATALQNLQTKTNRA
VANSRPAKAAVHLEGKIEQAQRWIDNPTVDDRGVGQAAIRGLVAEGHRLANVMMGPYRQDLLAKCDRVDQLTAQLADLAA
RGEGESPQARALASQLQDSLKDLKARMQEAMTQEVSDVFSDTTTPIKLLAVAATAPPDAPNREEVFDERAANFENHSGKL
GATAEKAAAVGTANKSTVEGIQASVKTARELTPQVVSAARILLRNPGNQAAYEHFETMKNQWIDNVEKMTGLVDEAIDTK
SLLDASEEAIKKDLDKCKVAMANIQPQMLVAGATSIARRANRILLVAKREVENSEDPKFREAVKAASDELSKTISPMVMD
AKAVAGNISDPGLQKSFLDSGYRILGAVAKVREAFQPQEPDFPPPPPDLEQLRLTDELAPPKPPLPEGEVPPPRPPPPEE
KDEEFPEQKAGEVINQPMMMAARQLHDEARKWSSKGNDIIAAAKRMALLMAEMSRLVRGGSGTKRALIQCAKDIAKASDE
VTRLAKEVAKQCTKAAIATNLLQVCERIPTISTQLKILSTVKATMLGRTNISDEESEQATEMLVHNAQNLMQSVKETVRE
AEAASIKIRTDAGFTLRWVRKTPWYQ
;
_entity_poly.pdbx_strand_id   A
#
# COMPACT_ATOMS: atom_id res chain seq x y z
N MET A 1 2.21 24.58 15.76
CA MET A 1 2.21 23.18 15.36
C MET A 1 3.58 22.75 14.86
N PRO A 2 4.25 21.87 15.59
CA PRO A 2 5.60 21.46 15.23
C PRO A 2 5.62 20.54 14.02
N VAL A 3 6.78 20.49 13.36
CA VAL A 3 6.97 19.67 12.17
C VAL A 3 8.25 18.85 12.35
N PHE A 4 8.29 17.67 11.70
CA PHE A 4 9.45 16.80 11.82
C PHE A 4 9.80 16.07 10.52
N HIS A 5 9.44 16.61 9.36
CA HIS A 5 9.52 15.85 8.11
C HIS A 5 10.92 15.80 7.51
N THR A 6 11.89 16.56 8.04
CA THR A 6 13.25 16.54 7.54
C THR A 6 14.22 16.29 8.69
N ARG A 7 15.41 15.82 8.33
CA ARG A 7 16.46 15.55 9.31
C ARG A 7 17.09 16.82 9.84
N THR A 8 17.07 17.90 9.05
CA THR A 8 17.64 19.17 9.53
C THR A 8 16.75 19.77 10.62
N ILE A 9 15.43 19.80 10.37
CA ILE A 9 14.49 20.28 11.38
C ILE A 9 14.63 19.48 12.67
N GLU A 10 14.67 18.15 12.54
CA GLU A 10 14.80 17.30 13.71
C GLU A 10 16.13 17.53 14.43
N SER A 11 17.22 17.66 13.67
CA SER A 11 18.53 17.87 14.28
C SER A 11 18.62 19.22 14.98
N ILE A 12 17.83 20.19 14.54
CA ILE A 12 17.78 21.49 15.19
C ILE A 12 16.78 21.49 16.33
N LEU A 13 15.59 20.94 16.10
CA LEU A 13 14.48 21.08 17.05
C LEU A 13 14.51 20.05 18.18
N GLU A 14 15.38 19.04 18.11
CA GLU A 14 15.43 18.10 19.23
C GLU A 14 16.25 18.69 20.39
N PRO A 15 17.47 19.21 20.16
CA PRO A 15 18.19 19.83 21.28
C PRO A 15 17.49 21.05 21.82
N VAL A 16 16.82 21.83 20.96
CA VAL A 16 16.07 23.00 21.41
C VAL A 16 14.98 22.57 22.39
N ALA A 17 14.11 21.64 21.95
CA ALA A 17 13.07 21.14 22.82
C ALA A 17 13.63 20.41 24.03
N GLN A 18 14.90 19.96 23.96
CA GLN A 18 15.51 19.30 25.10
C GLN A 18 15.90 20.30 26.18
N GLN A 19 16.66 21.33 25.81
CA GLN A 19 16.97 22.40 26.75
C GLN A 19 15.70 23.07 27.26
N ILE A 20 14.68 23.16 26.41
CA ILE A 20 13.39 23.67 26.85
C ILE A 20 12.77 22.72 27.88
N SER A 21 12.96 21.41 27.70
CA SER A 21 12.49 20.46 28.70
C SER A 21 13.22 20.67 30.03
N HIS A 22 14.50 21.03 29.97
CA HIS A 22 15.22 21.40 31.19
C HIS A 22 14.58 22.63 31.84
N LEU A 23 14.34 23.68 31.05
CA LEU A 23 13.81 24.91 31.60
C LEU A 23 12.42 24.74 32.19
N VAL A 24 11.59 23.88 31.58
CA VAL A 24 10.27 23.66 32.14
C VAL A 24 10.35 22.70 33.34
N ILE A 25 11.38 21.85 33.38
CA ILE A 25 11.60 21.02 34.56
C ILE A 25 11.94 21.88 35.77
N MET A 26 12.87 22.82 35.59
CA MET A 26 13.18 23.75 36.68
C MET A 26 12.03 24.68 36.97
N HIS A 27 11.24 25.02 35.94
CA HIS A 27 10.02 25.79 36.17
C HIS A 27 9.07 25.06 37.09
N GLU A 28 8.89 23.75 36.88
CA GLU A 28 8.01 22.98 37.76
C GLU A 28 8.62 22.81 39.14
N GLU A 29 9.94 22.60 39.21
CA GLU A 29 10.60 22.59 40.51
C GLU A 29 10.36 23.90 41.25
N GLY A 30 10.17 25.00 40.52
CA GLY A 30 9.87 26.28 41.13
C GLY A 30 8.39 26.50 41.42
N GLU A 31 7.53 26.25 40.42
CA GLU A 31 6.12 26.60 40.58
C GLU A 31 5.40 25.65 41.52
N VAL A 32 5.75 24.36 41.48
CA VAL A 32 5.04 23.38 42.29
C VAL A 32 5.63 23.26 43.70
N ASP A 33 6.95 23.39 43.84
CA ASP A 33 7.62 23.16 45.12
C ASP A 33 8.14 24.41 45.78
N GLY A 34 8.11 25.56 45.11
CA GLY A 34 8.67 26.78 45.67
C GLY A 34 10.16 26.64 45.92
N LYS A 35 10.89 26.19 44.90
CA LYS A 35 12.32 25.93 45.00
C LYS A 35 13.09 26.99 44.24
N ALA A 36 14.30 27.27 44.71
CA ALA A 36 15.14 28.28 44.09
C ALA A 36 15.46 27.89 42.64
N ILE A 37 15.07 28.76 41.71
CA ILE A 37 15.41 28.57 40.30
C ILE A 37 16.82 29.09 40.08
N PRO A 38 17.76 28.24 39.66
CA PRO A 38 19.17 28.64 39.61
C PRO A 38 19.51 29.60 38.49
N ASP A 39 20.78 29.60 38.09
CA ASP A 39 21.26 30.48 37.02
C ASP A 39 20.75 30.02 35.67
N LEU A 40 19.59 30.50 35.25
CA LEU A 40 19.12 30.24 33.89
C LEU A 40 19.94 30.98 32.84
N THR A 41 20.92 31.77 33.26
CA THR A 41 21.67 32.63 32.33
C THR A 41 22.37 31.81 31.26
N ALA A 42 23.13 30.80 31.67
CA ALA A 42 23.88 30.01 30.69
C ALA A 42 22.96 29.19 29.78
N PRO A 43 21.97 28.43 30.29
CA PRO A 43 21.11 27.69 29.36
C PRO A 43 20.32 28.59 28.43
N VAL A 44 19.77 29.70 28.93
CA VAL A 44 19.04 30.62 28.07
C VAL A 44 19.98 31.24 27.03
N ALA A 45 21.24 31.47 27.39
CA ALA A 45 22.19 31.99 26.43
C ALA A 45 22.50 30.96 25.34
N ALA A 46 22.60 29.69 25.72
CA ALA A 46 22.83 28.64 24.73
C ALA A 46 21.63 28.51 23.79
N VAL A 47 20.42 28.48 24.36
CA VAL A 47 19.21 28.42 23.53
C VAL A 47 19.16 29.60 22.57
N GLN A 48 19.34 30.82 23.10
CA GLN A 48 19.26 32.01 22.26
C GLN A 48 20.40 32.08 21.25
N ALA A 49 21.50 31.34 21.48
CA ALA A 49 22.54 31.25 20.47
C ALA A 49 22.13 30.31 19.34
N ALA A 50 21.78 29.07 19.70
CA ALA A 50 21.38 28.08 18.69
C ALA A 50 20.17 28.55 17.89
N VAL A 51 19.33 29.40 18.46
CA VAL A 51 18.18 29.94 17.74
C VAL A 51 18.56 31.21 16.99
N SER A 52 19.39 32.06 17.60
CA SER A 52 19.87 33.25 16.91
C SER A 52 20.66 32.92 15.66
N ASN A 53 21.17 31.69 15.54
CA ASN A 53 21.71 31.25 14.25
C ASN A 53 20.62 31.23 13.19
N LEU A 54 19.50 30.56 13.48
CA LEU A 54 18.39 30.50 12.54
C LEU A 54 17.86 31.89 12.22
N VAL A 55 17.68 32.73 13.24
CA VAL A 55 17.19 34.09 13.00
C VAL A 55 18.18 34.87 12.15
N ARG A 56 19.49 34.65 12.37
CA ARG A 56 20.49 35.41 11.64
C ARG A 56 20.51 35.02 10.17
N VAL A 57 20.62 33.72 9.87
CA VAL A 57 20.63 33.28 8.47
C VAL A 57 19.30 33.61 7.81
N GLY A 58 18.21 33.64 8.59
CA GLY A 58 16.93 34.04 8.01
C GLY A 58 16.91 35.50 7.63
N LYS A 59 17.41 36.38 8.51
CA LYS A 59 17.45 37.80 8.19
C LYS A 59 18.36 38.07 7.02
N GLU A 60 19.46 37.33 6.91
CA GLU A 60 20.29 37.45 5.71
C GLU A 60 19.56 36.92 4.48
N THR A 61 18.69 35.93 4.66
CA THR A 61 18.00 35.33 3.51
C THR A 61 17.01 36.31 2.89
N VAL A 62 16.19 36.96 3.71
CA VAL A 62 15.14 37.83 3.19
C VAL A 62 15.71 38.99 2.38
N GLN A 63 16.99 39.32 2.59
CA GLN A 63 17.62 40.36 1.79
C GLN A 63 17.91 39.86 0.38
N THR A 64 18.50 38.67 0.27
CA THR A 64 18.98 38.14 -1.01
C THR A 64 18.13 36.97 -1.50
N THR A 65 16.80 37.08 -1.39
CA THR A 65 15.89 36.09 -1.94
C THR A 65 14.90 36.77 -2.87
N GLU A 66 14.75 36.22 -4.08
CA GLU A 66 13.71 36.68 -4.99
C GLU A 66 12.37 36.02 -4.69
N ASP A 67 12.33 35.09 -3.74
CA ASP A 67 11.09 34.41 -3.37
C ASP A 67 10.21 35.37 -2.60
N GLN A 68 9.08 35.77 -3.20
CA GLN A 68 8.17 36.69 -2.53
C GLN A 68 7.48 36.02 -1.36
N ILE A 69 7.05 34.77 -1.53
CA ILE A 69 6.36 34.03 -0.48
C ILE A 69 7.24 33.95 0.77
N LEU A 70 8.54 33.77 0.58
CA LEU A 70 9.46 33.80 1.72
C LEU A 70 9.49 35.18 2.37
N LYS A 71 9.52 36.24 1.56
CA LYS A 71 9.49 37.59 2.11
C LYS A 71 8.25 37.82 2.97
N ARG A 72 7.14 37.17 2.63
CA ARG A 72 5.93 37.32 3.44
C ARG A 72 5.99 36.47 4.71
N ASP A 73 6.36 35.20 4.57
CA ASP A 73 6.20 34.22 5.65
C ASP A 73 7.36 34.18 6.63
N MET A 74 8.46 34.88 6.37
CA MET A 74 9.65 34.72 7.20
C MET A 74 9.70 35.69 8.37
N PRO A 75 9.47 36.99 8.20
CA PRO A 75 9.57 37.93 9.33
C PRO A 75 8.65 37.58 10.49
N PRO A 76 7.41 37.12 10.25
CA PRO A 76 6.58 36.69 11.39
C PRO A 76 7.27 35.66 12.28
N ALA A 77 8.05 34.75 11.69
CA ALA A 77 8.83 33.82 12.51
C ALA A 77 9.91 34.57 13.29
N PHE A 78 10.50 35.60 12.69
CA PHE A 78 11.48 36.42 13.41
C PHE A 78 10.85 37.04 14.65
N ILE A 79 9.61 37.50 14.53
CA ILE A 79 8.94 38.11 15.68
C ILE A 79 8.58 37.06 16.71
N LYS A 80 7.95 35.97 16.28
CA LYS A 80 7.55 34.93 17.22
C LYS A 80 8.74 34.33 17.96
N VAL A 81 9.91 34.35 17.34
CA VAL A 81 11.12 33.81 17.97
C VAL A 81 11.79 34.86 18.86
N GLU A 82 11.96 36.08 18.34
CA GLU A 82 12.63 37.12 19.10
C GLU A 82 11.86 37.46 20.38
N ASN A 83 10.54 37.47 20.30
CA ASN A 83 9.73 37.81 21.47
C ASN A 83 9.93 36.80 22.59
N ALA A 84 9.70 35.52 22.31
CA ALA A 84 9.88 34.49 23.34
C ALA A 84 11.32 34.40 23.78
N CYS A 85 12.26 34.67 22.87
CA CYS A 85 13.68 34.62 23.21
C CYS A 85 14.03 35.68 24.25
N THR A 86 13.75 36.95 23.93
CA THR A 86 13.97 38.02 24.89
C THR A 86 13.18 37.80 26.17
N LYS A 87 12.01 37.17 26.07
CA LYS A 87 11.21 36.89 27.25
C LYS A 87 11.92 35.89 28.17
N LEU A 88 12.51 34.85 27.59
CA LEU A 88 13.28 33.90 28.39
C LEU A 88 14.51 34.56 29.00
N VAL A 89 15.17 35.44 28.24
CA VAL A 89 16.31 36.18 28.81
C VAL A 89 15.85 37.01 30.00
N GLN A 90 14.69 37.66 29.88
CA GLN A 90 14.15 38.44 30.99
C GLN A 90 13.86 37.56 32.19
N ALA A 91 13.31 36.37 31.97
CA ALA A 91 13.08 35.44 33.07
C ALA A 91 14.40 35.10 33.77
N ALA A 92 15.45 34.88 32.99
CA ALA A 92 16.77 34.62 33.56
C ALA A 92 17.29 35.81 34.35
N GLN A 93 16.89 37.03 33.97
CA GLN A 93 17.30 38.22 34.71
C GLN A 93 16.53 38.37 36.02
N MET A 94 15.21 38.18 35.98
CA MET A 94 14.40 38.35 37.18
C MET A 94 14.67 37.26 38.20
N LEU A 95 14.88 36.02 37.74
CA LEU A 95 15.14 34.92 38.66
C LEU A 95 16.55 34.95 39.24
N GLN A 96 17.37 35.92 38.86
CA GLN A 96 18.64 36.15 39.55
C GLN A 96 18.45 36.93 40.84
N SER A 97 17.46 37.83 40.86
CA SER A 97 17.19 38.61 42.07
C SER A 97 16.30 37.82 43.03
N ASP A 98 15.08 37.50 42.60
CA ASP A 98 14.13 36.75 43.40
C ASP A 98 13.79 35.45 42.69
N PRO A 99 14.33 34.31 43.13
CA PRO A 99 14.08 33.04 42.43
C PRO A 99 12.68 32.47 42.67
N TYR A 100 11.76 33.30 43.17
CA TYR A 100 10.39 32.87 43.43
C TYR A 100 9.38 33.80 42.77
N SER A 101 9.82 34.63 41.83
CA SER A 101 8.95 35.62 41.20
C SER A 101 7.87 34.92 40.38
N VAL A 102 6.61 35.21 40.69
CA VAL A 102 5.48 34.57 40.02
C VAL A 102 5.27 35.09 38.60
N PRO A 103 5.59 36.35 38.25
CA PRO A 103 5.51 36.73 36.82
C PRO A 103 6.73 36.31 36.03
N ALA A 104 7.89 36.14 36.68
CA ALA A 104 9.06 35.66 35.96
C ALA A 104 8.88 34.22 35.50
N ARG A 105 8.14 33.42 36.27
CA ARG A 105 7.79 32.07 35.84
C ARG A 105 6.68 32.07 34.81
N ASP A 106 5.85 33.11 34.78
CA ASP A 106 4.90 33.27 33.67
C ASP A 106 5.65 33.53 32.37
N TYR A 107 6.75 34.27 32.43
CA TYR A 107 7.56 34.55 31.26
C TYR A 107 8.55 33.43 30.94
N LEU A 108 8.72 32.46 31.84
CA LEU A 108 9.56 31.30 31.56
C LEU A 108 8.79 30.20 30.85
N ILE A 109 7.52 30.00 31.20
CA ILE A 109 6.71 28.98 30.56
C ILE A 109 6.04 29.49 29.28
N ASP A 110 5.92 30.81 29.12
CA ASP A 110 5.39 31.36 27.87
C ASP A 110 6.47 31.42 26.79
N GLY A 111 7.72 31.68 27.17
CA GLY A 111 8.78 31.80 26.19
C GLY A 111 9.24 30.47 25.64
N SER A 112 9.29 29.43 26.50
CA SER A 112 9.70 28.11 26.05
C SER A 112 8.72 27.56 25.03
N ARG A 113 7.43 27.62 25.33
CA ARG A 113 6.42 27.29 24.33
C ARG A 113 6.57 28.17 23.11
N GLY A 114 6.89 29.45 23.30
CA GLY A 114 7.06 30.36 22.19
C GLY A 114 8.31 30.09 21.38
N ILE A 115 9.39 29.62 22.04
CA ILE A 115 10.60 29.32 21.28
C ILE A 115 10.40 28.01 20.49
N LEU A 116 9.62 27.07 21.03
CA LEU A 116 9.31 25.87 20.27
C LEU A 116 8.44 26.19 19.06
N SER A 117 7.33 26.90 19.28
CA SER A 117 6.43 27.26 18.19
C SER A 117 7.16 28.09 17.14
N GLY A 118 7.88 29.12 17.57
CA GLY A 118 8.56 29.98 16.62
C GLY A 118 9.66 29.27 15.85
N THR A 119 10.44 28.44 16.54
CA THR A 119 11.48 27.68 15.85
C THR A 119 10.88 26.77 14.80
N SER A 120 9.81 26.04 15.16
CA SER A 120 9.16 25.16 14.20
C SER A 120 8.64 25.93 13.00
N ASP A 121 8.03 27.10 13.23
CA ASP A 121 7.48 27.86 12.12
C ASP A 121 8.59 28.40 11.22
N LEU A 122 9.70 28.82 11.81
CA LEU A 122 10.82 29.35 11.02
C LEU A 122 11.40 28.26 10.13
N LEU A 123 11.77 27.11 10.72
CA LEU A 123 12.24 25.99 9.92
C LEU A 123 11.23 25.60 8.85
N LEU A 124 9.94 25.66 9.20
CA LEU A 124 8.89 25.33 8.25
C LEU A 124 8.89 26.28 7.06
N THR A 125 9.19 27.56 7.30
CA THR A 125 9.24 28.51 6.18
C THR A 125 10.46 28.25 5.30
N PHE A 126 11.62 27.97 5.90
CA PHE A 126 12.78 27.57 5.10
C PHE A 126 12.45 26.40 4.19
N ASP A 127 12.04 25.32 4.81
CA ASP A 127 11.74 24.12 4.10
C ASP A 127 10.80 24.43 3.06
N GLU A 128 9.73 25.11 3.39
CA GLU A 128 8.73 25.45 2.41
C GLU A 128 9.17 26.09 1.13
N ALA A 129 10.13 26.97 1.22
CA ALA A 129 10.69 27.65 0.11
C ALA A 129 11.72 26.81 -0.57
N GLU A 130 12.23 25.79 0.09
CA GLU A 130 13.21 24.92 -0.52
C GLU A 130 12.49 23.99 -1.41
N VAL A 131 11.27 23.64 -1.06
CA VAL A 131 10.45 22.76 -1.83
C VAL A 131 9.88 23.55 -2.94
N ARG A 132 9.45 24.75 -2.63
CA ARG A 132 8.92 25.58 -3.71
C ARG A 132 9.88 25.65 -4.89
N LYS A 133 11.19 25.64 -4.64
CA LYS A 133 12.14 25.52 -5.75
C LYS A 133 11.92 24.23 -6.52
N ILE A 134 11.90 23.10 -5.80
CA ILE A 134 11.76 21.81 -6.48
C ILE A 134 10.46 21.77 -7.29
N ILE A 135 9.38 22.30 -6.72
CA ILE A 135 8.10 22.33 -7.43
C ILE A 135 8.18 23.27 -8.63
N ARG A 136 8.99 24.33 -8.54
CA ARG A 136 9.18 25.19 -9.71
C ARG A 136 9.78 24.40 -10.86
N VAL A 137 10.79 23.57 -10.57
CA VAL A 137 11.35 22.72 -11.62
C VAL A 137 10.28 21.75 -12.15
N CYS A 138 9.57 21.09 -11.24
CA CYS A 138 8.57 20.11 -11.65
C CYS A 138 7.51 20.73 -12.55
N LYS A 139 7.02 21.92 -12.20
CA LYS A 139 6.09 22.62 -13.06
C LYS A 139 6.72 22.98 -14.39
N GLY A 140 8.02 23.30 -14.39
CA GLY A 140 8.70 23.50 -15.65
C GLY A 140 8.58 22.29 -16.57
N ILE A 141 8.88 21.11 -16.04
CA ILE A 141 8.79 19.90 -16.86
C ILE A 141 7.35 19.61 -17.26
N LEU A 142 6.40 19.84 -16.34
CA LEU A 142 4.99 19.63 -16.66
C LEU A 142 4.55 20.51 -17.83
N GLU A 143 4.96 21.77 -17.82
CA GLU A 143 4.64 22.64 -18.95
C GLU A 143 5.36 22.20 -20.21
N TYR A 144 6.56 21.64 -20.07
CA TYR A 144 7.28 21.17 -21.25
C TYR A 144 6.69 19.89 -21.85
N LEU A 145 5.96 19.12 -21.06
CA LEU A 145 5.30 17.93 -21.59
C LEU A 145 4.06 18.26 -22.41
N THR A 146 3.51 19.47 -22.26
CA THR A 146 2.35 19.87 -23.04
C THR A 146 2.72 20.32 -24.46
N VAL A 147 3.99 20.68 -24.68
CA VAL A 147 4.44 21.13 -25.99
C VAL A 147 4.94 19.92 -26.77
N ALA A 148 4.73 18.72 -26.21
CA ALA A 148 5.12 17.49 -26.91
C ALA A 148 4.26 17.21 -28.12
N GLU A 149 3.05 17.76 -28.18
CA GLU A 149 2.16 17.52 -29.31
C GLU A 149 2.50 18.37 -30.52
N VAL A 150 3.24 19.47 -30.34
CA VAL A 150 3.57 20.35 -31.47
C VAL A 150 4.67 19.78 -32.35
N VAL A 151 5.38 18.75 -31.89
CA VAL A 151 6.48 18.18 -32.65
C VAL A 151 5.92 17.37 -33.81
N GLU A 152 6.27 17.78 -35.04
CA GLU A 152 5.87 17.07 -36.24
C GLU A 152 7.05 16.80 -37.18
N THR A 153 8.25 17.26 -36.82
CA THR A 153 9.45 17.07 -37.62
C THR A 153 10.52 16.43 -36.77
N MET A 154 11.31 15.54 -37.37
CA MET A 154 12.41 14.92 -36.63
C MET A 154 13.38 15.96 -36.10
N GLU A 155 13.53 17.08 -36.82
CA GLU A 155 14.26 18.22 -36.29
C GLU A 155 13.64 18.71 -34.99
N ASP A 156 12.31 18.89 -34.98
CA ASP A 156 11.61 19.27 -33.76
C ASP A 156 11.72 18.18 -32.70
N LEU A 157 11.90 16.92 -33.12
CA LEU A 157 12.02 15.84 -32.15
C LEU A 157 13.36 15.90 -31.43
N VAL A 158 14.46 16.08 -32.18
CA VAL A 158 15.77 16.13 -31.55
C VAL A 158 15.93 17.41 -30.75
N THR A 159 15.41 18.54 -31.26
CA THR A 159 15.47 19.79 -30.51
C THR A 159 14.66 19.68 -29.23
N TYR A 160 13.40 19.21 -29.34
CA TYR A 160 12.56 19.00 -28.16
C TYR A 160 13.26 18.12 -27.13
N THR A 161 13.90 17.04 -27.60
CA THR A 161 14.61 16.13 -26.71
C THR A 161 15.72 16.87 -25.96
N LYS A 162 16.69 17.40 -26.72
CA LYS A 162 17.87 18.01 -26.10
C LYS A 162 17.50 19.18 -25.19
N ASN A 163 16.39 19.87 -25.48
CA ASN A 163 15.94 20.91 -24.56
C ASN A 163 15.24 20.33 -23.34
N LEU A 164 14.59 19.17 -23.48
CA LEU A 164 13.99 18.52 -22.33
C LEU A 164 15.05 18.00 -21.35
N GLY A 165 16.25 17.73 -21.86
CA GLY A 165 17.34 17.20 -21.04
C GLY A 165 17.58 17.83 -19.67
N PRO A 166 18.02 19.10 -19.66
CA PRO A 166 18.50 19.68 -18.39
C PRO A 166 17.44 19.73 -17.30
N GLY A 167 16.20 20.08 -17.64
CA GLY A 167 15.15 20.09 -16.64
C GLY A 167 14.94 18.72 -16.02
N MET A 168 14.94 17.67 -16.85
CA MET A 168 14.79 16.32 -16.33
C MET A 168 15.94 15.94 -15.40
N THR A 169 17.18 16.21 -15.82
CA THR A 169 18.33 15.91 -14.98
C THR A 169 18.23 16.63 -13.63
N LYS A 170 17.96 17.93 -13.67
CA LYS A 170 17.86 18.71 -12.44
C LYS A 170 16.76 18.19 -11.53
N MET A 171 15.60 17.86 -12.10
CA MET A 171 14.51 17.33 -11.29
C MET A 171 14.89 16.01 -10.63
N ALA A 172 15.48 15.10 -11.40
CA ALA A 172 15.88 13.81 -10.85
C ALA A 172 16.88 13.98 -9.71
N LYS A 173 17.87 14.85 -9.88
CA LYS A 173 18.84 15.09 -8.81
C LYS A 173 18.16 15.69 -7.58
N MET A 174 17.37 16.74 -7.78
CA MET A 174 16.68 17.41 -6.68
C MET A 174 15.85 16.42 -5.87
N ILE A 175 15.07 15.59 -6.55
CA ILE A 175 14.23 14.64 -5.84
C ILE A 175 15.08 13.58 -5.14
N ASP A 176 16.16 13.13 -5.78
CA ASP A 176 17.02 12.14 -5.16
C ASP A 176 17.64 12.67 -3.86
N GLU A 177 17.89 13.98 -3.77
CA GLU A 177 18.43 14.51 -2.53
C GLU A 177 17.33 14.79 -1.51
N ARG A 178 16.21 15.36 -1.95
CA ARG A 178 15.10 15.66 -1.04
C ARG A 178 14.59 14.41 -0.36
N GLN A 179 14.44 13.31 -1.11
CA GLN A 179 14.03 12.06 -0.50
C GLN A 179 15.04 11.57 0.54
N GLN A 180 16.33 11.85 0.33
CA GLN A 180 17.33 11.48 1.33
C GLN A 180 17.30 12.42 2.52
N GLU A 181 16.65 13.58 2.39
CA GLU A 181 16.54 14.52 3.51
C GLU A 181 15.22 14.38 4.28
N LEU A 182 14.41 13.37 3.96
CA LEU A 182 13.11 13.19 4.60
C LEU A 182 13.18 12.16 5.72
N THR A 183 12.30 12.32 6.70
CA THR A 183 12.19 11.37 7.81
C THR A 183 11.07 10.36 7.59
N HIS A 184 9.93 10.80 7.06
CA HIS A 184 8.83 9.88 6.79
C HIS A 184 9.24 8.91 5.68
N GLN A 185 9.43 7.64 6.05
CA GLN A 185 9.95 6.66 5.09
C GLN A 185 8.98 6.43 3.94
N GLU A 186 7.67 6.46 4.22
CA GLU A 186 6.69 6.22 3.16
C GLU A 186 6.72 7.33 2.11
N HIS A 187 6.92 8.58 2.54
CA HIS A 187 7.05 9.68 1.59
C HIS A 187 8.25 9.44 0.66
N ARG A 188 9.38 9.03 1.24
CA ARG A 188 10.54 8.68 0.43
C ARG A 188 10.20 7.59 -0.57
N VAL A 189 9.47 6.56 -0.12
CA VAL A 189 9.06 5.49 -1.04
C VAL A 189 8.27 6.06 -2.20
N MET A 190 7.33 6.96 -1.92
CA MET A 190 6.49 7.51 -2.99
C MET A 190 7.30 8.34 -3.97
N LEU A 191 8.21 9.18 -3.47
CA LEU A 191 9.06 9.97 -4.36
C LEU A 191 9.94 9.09 -5.23
N VAL A 192 10.59 8.09 -4.62
CA VAL A 192 11.45 7.18 -5.38
C VAL A 192 10.64 6.47 -6.46
N ASN A 193 9.48 5.92 -6.10
CA ASN A 193 8.67 5.18 -7.05
C ASN A 193 8.21 6.06 -8.21
N SER A 194 7.72 7.26 -7.89
CA SER A 194 7.22 8.14 -8.94
C SER A 194 8.33 8.58 -9.88
N MET A 195 9.45 9.06 -9.32
CA MET A 195 10.55 9.50 -10.16
C MET A 195 11.09 8.35 -11.02
N ASN A 196 11.17 7.15 -10.44
CA ASN A 196 11.59 5.99 -11.22
C ASN A 196 10.61 5.71 -12.36
N THR A 197 9.31 5.85 -12.11
CA THR A 197 8.33 5.63 -13.17
C THR A 197 8.50 6.64 -14.30
N VAL A 198 8.70 7.91 -13.95
CA VAL A 198 8.91 8.94 -14.98
C VAL A 198 10.16 8.62 -15.79
N LYS A 199 11.26 8.33 -15.10
CA LYS A 199 12.53 8.06 -15.76
C LYS A 199 12.41 6.84 -16.68
N GLU A 200 11.67 5.82 -16.25
CA GLU A 200 11.43 4.66 -17.10
C GLU A 200 10.44 4.97 -18.22
N LEU A 201 9.70 6.07 -18.12
CA LEU A 201 8.73 6.46 -19.14
C LEU A 201 9.32 7.36 -20.22
N LEU A 202 10.45 8.02 -19.96
CA LEU A 202 11.06 8.86 -20.98
C LEU A 202 11.36 8.11 -22.28
N PRO A 203 12.03 6.94 -22.28
CA PRO A 203 12.30 6.28 -23.56
C PRO A 203 11.04 5.90 -24.32
N VAL A 204 9.98 5.50 -23.60
CA VAL A 204 8.71 5.23 -24.25
C VAL A 204 8.15 6.51 -24.88
N LEU A 205 8.37 7.65 -24.21
CA LEU A 205 7.93 8.93 -24.76
C LEU A 205 8.63 9.22 -26.08
N ILE A 206 9.96 9.17 -26.09
CA ILE A 206 10.65 9.53 -27.32
C ILE A 206 10.39 8.48 -28.40
N SER A 207 10.09 7.23 -28.02
CA SER A 207 9.72 6.23 -29.01
C SER A 207 8.38 6.56 -29.66
N ALA A 208 7.37 6.89 -28.85
CA ALA A 208 6.06 7.23 -29.40
C ALA A 208 6.13 8.49 -30.24
N MET A 209 6.90 9.48 -29.80
CA MET A 209 7.09 10.67 -30.63
C MET A 209 7.83 10.33 -31.92
N LYS A 210 8.73 9.36 -31.87
CA LYS A 210 9.47 8.96 -33.07
C LYS A 210 8.55 8.31 -34.09
N ILE A 211 7.69 7.38 -33.67
CA ILE A 211 6.78 6.79 -34.63
C ILE A 211 5.74 7.80 -35.10
N PHE A 212 5.36 8.75 -34.23
CA PHE A 212 4.45 9.79 -34.66
C PHE A 212 5.08 10.65 -35.76
N VAL A 213 6.36 11.01 -35.60
CA VAL A 213 6.96 11.92 -36.57
C VAL A 213 7.36 11.19 -37.85
N THR A 214 7.79 9.93 -37.76
CA THR A 214 8.05 9.17 -38.98
C THR A 214 6.75 8.92 -39.74
N THR A 215 5.68 8.57 -39.01
CA THR A 215 4.37 8.42 -39.63
C THR A 215 3.84 9.74 -40.19
N LYS A 216 4.32 10.88 -39.67
CA LYS A 216 3.84 12.16 -40.15
C LYS A 216 4.60 12.68 -41.36
N ASN A 217 5.93 12.54 -41.36
CA ASN A 217 6.72 13.01 -42.50
C ASN A 217 6.34 12.24 -43.77
N SER A 218 6.21 10.93 -43.67
CA SER A 218 5.68 10.13 -44.75
C SER A 218 4.16 10.03 -44.58
N LYS A 219 3.50 9.23 -45.42
CA LYS A 219 2.06 9.08 -45.32
C LYS A 219 1.68 7.68 -44.84
N ASN A 220 2.30 7.23 -43.75
CA ASN A 220 2.02 5.90 -43.22
C ASN A 220 0.64 5.86 -42.57
N GLN A 221 0.13 4.65 -42.36
CA GLN A 221 -1.23 4.42 -41.94
C GLN A 221 -1.37 4.15 -40.45
N GLY A 222 -0.31 4.31 -39.68
CA GLY A 222 -0.40 4.08 -38.24
C GLY A 222 -0.37 5.35 -37.43
N ILE A 223 -1.05 6.39 -37.92
CA ILE A 223 -0.96 7.70 -37.28
C ILE A 223 -1.84 7.79 -36.04
N GLU A 224 -2.99 7.11 -36.04
CA GLU A 224 -3.90 7.22 -34.90
C GLU A 224 -3.35 6.52 -33.68
N GLU A 225 -3.02 5.22 -33.81
CA GLU A 225 -2.49 4.48 -32.67
C GLU A 225 -1.23 5.12 -32.11
N ALA A 226 -0.41 5.71 -32.99
CA ALA A 226 0.80 6.39 -32.54
C ALA A 226 0.46 7.54 -31.60
N LEU A 227 -0.48 8.40 -31.99
CA LEU A 227 -0.87 9.50 -31.11
C LEU A 227 -1.59 8.99 -29.86
N LYS A 228 -2.24 7.83 -29.95
CA LYS A 228 -2.81 7.21 -28.76
C LYS A 228 -1.70 6.90 -27.74
N ASN A 229 -0.64 6.23 -28.19
CA ASN A 229 0.43 5.85 -27.28
C ASN A 229 1.20 7.08 -26.78
N ARG A 230 1.42 8.07 -27.65
CA ARG A 230 2.15 9.26 -27.24
C ARG A 230 1.36 10.07 -26.21
N ASN A 231 0.08 10.33 -26.50
CA ASN A 231 -0.76 11.03 -25.54
C ASN A 231 -0.89 10.26 -24.24
N PHE A 232 -0.93 8.93 -24.32
CA PHE A 232 -0.96 8.12 -23.10
C PHE A 232 0.33 8.31 -22.30
N THR A 233 1.47 8.40 -22.98
CA THR A 233 2.73 8.58 -22.27
C THR A 233 2.78 9.96 -21.60
N VAL A 234 2.35 11.00 -22.31
CA VAL A 234 2.27 12.33 -21.71
C VAL A 234 1.34 12.30 -20.50
N GLU A 235 0.22 11.59 -20.61
CA GLU A 235 -0.72 11.47 -19.49
C GLU A 235 -0.06 10.84 -18.28
N LYS A 236 0.52 9.64 -18.45
CA LYS A 236 1.07 8.92 -17.32
C LYS A 236 2.23 9.67 -16.69
N MET A 237 3.14 10.19 -17.52
CA MET A 237 4.29 10.93 -16.99
C MET A 237 3.84 12.17 -16.24
N SER A 238 2.94 12.95 -16.84
CA SER A 238 2.43 14.15 -16.17
C SER A 238 1.76 13.80 -14.85
N ALA A 239 1.01 12.69 -14.82
CA ALA A 239 0.35 12.27 -13.59
C ALA A 239 1.36 11.92 -12.50
N GLU A 240 2.42 11.19 -12.87
CA GLU A 240 3.43 10.85 -11.87
C GLU A 240 4.16 12.08 -11.36
N ILE A 241 4.43 13.05 -12.25
CA ILE A 241 5.06 14.28 -11.80
C ILE A 241 4.14 15.04 -10.84
N ASN A 242 2.84 15.03 -11.13
CA ASN A 242 1.87 15.64 -10.21
C ASN A 242 1.89 14.93 -8.86
N GLU A 243 2.02 13.61 -8.86
CA GLU A 243 2.18 12.87 -7.60
C GLU A 243 3.40 13.35 -6.84
N ILE A 244 4.51 13.56 -7.55
CA ILE A 244 5.72 14.09 -6.92
C ILE A 244 5.42 15.44 -6.28
N ILE A 245 4.75 16.33 -7.01
CA ILE A 245 4.45 17.67 -6.49
C ILE A 245 3.58 17.58 -5.25
N ARG A 246 2.63 16.63 -5.22
CA ARG A 246 1.79 16.48 -4.04
C ARG A 246 2.59 15.97 -2.85
N VAL A 247 3.45 14.98 -3.06
CA VAL A 247 4.20 14.39 -1.95
C VAL A 247 5.20 15.39 -1.39
N LEU A 248 5.80 16.23 -2.24
CA LEU A 248 6.82 17.16 -1.78
C LEU A 248 6.29 18.15 -0.75
N GLN A 249 4.99 18.44 -0.80
CA GLN A 249 4.38 19.41 0.11
C GLN A 249 3.88 18.78 1.40
N LEU A 250 4.22 17.53 1.66
CA LEU A 250 3.74 16.82 2.84
C LEU A 250 4.70 17.05 4.00
N THR A 251 4.16 17.48 5.14
CA THR A 251 4.94 17.69 6.36
C THR A 251 4.50 16.79 7.51
N SER A 252 3.54 15.90 7.27
CA SER A 252 3.08 14.96 8.30
C SER A 252 2.67 13.67 7.60
N TRP A 253 1.96 12.81 8.33
CA TRP A 253 1.46 11.58 7.74
C TRP A 253 0.40 11.87 6.68
N ASP A 254 0.22 10.92 5.77
CA ASP A 254 -0.74 11.04 4.69
C ASP A 254 -2.16 11.19 5.23
N GLU A 255 -2.77 12.36 5.06
CA GLU A 255 -4.11 12.60 5.57
C GLU A 255 -5.18 12.50 4.49
N ASP A 256 -4.94 13.03 3.30
CA ASP A 256 -5.90 12.96 2.20
C ASP A 256 -5.45 11.99 1.10
N ALA A 257 -4.53 11.08 1.42
CA ALA A 257 -4.15 10.06 0.45
C ALA A 257 -5.29 9.09 0.19
N TRP A 258 -6.11 8.81 1.19
CA TRP A 258 -7.23 7.89 1.00
C TRP A 258 -8.21 8.40 -0.05
N ALA A 259 -8.29 9.72 -0.23
CA ALA A 259 -9.27 10.30 -1.15
C ALA A 259 -8.96 9.89 -2.59
N SER A 260 -7.74 10.16 -3.05
CA SER A 260 -7.38 9.89 -4.44
C SER A 260 -7.35 8.40 -4.73
N LYS A 261 -6.86 7.59 -3.79
CA LYS A 261 -6.86 6.14 -3.98
C LYS A 261 -8.29 5.62 -4.06
N ASP A 262 -9.16 6.09 -3.16
CA ASP A 262 -10.55 5.64 -3.16
C ASP A 262 -11.27 6.03 -4.44
N THR A 263 -11.03 7.24 -4.94
CA THR A 263 -11.73 7.66 -6.15
C THR A 263 -11.16 6.99 -7.40
N GLU A 264 -9.86 6.68 -7.43
CA GLU A 264 -9.29 6.03 -8.61
C GLU A 264 -9.63 4.54 -8.65
N ALA A 265 -9.65 3.88 -7.50
CA ALA A 265 -10.18 2.51 -7.48
C ALA A 265 -11.67 2.52 -7.81
N MET A 266 -12.39 3.53 -7.30
CA MET A 266 -13.81 3.67 -7.57
C MET A 266 -14.07 3.77 -9.06
N LYS A 267 -13.28 4.56 -9.78
CA LYS A 267 -13.45 4.66 -11.24
C LYS A 267 -12.91 3.41 -11.95
N ARG A 268 -11.90 2.75 -11.37
CA ARG A 268 -11.35 1.54 -11.97
C ARG A 268 -12.40 0.44 -12.02
N ALA A 269 -13.23 0.33 -10.99
CA ALA A 269 -14.31 -0.65 -11.01
C ALA A 269 -15.25 -0.44 -12.19
N LEU A 270 -15.45 0.82 -12.62
CA LEU A 270 -16.37 1.09 -13.71
C LEU A 270 -15.70 0.93 -15.08
N ALA A 271 -14.50 1.50 -15.23
CA ALA A 271 -13.73 1.28 -16.46
C ALA A 271 -13.56 -0.20 -16.74
N SER A 272 -13.47 -1.02 -15.69
CA SER A 272 -13.45 -2.47 -15.88
C SER A 272 -14.85 -3.05 -16.05
N ILE A 273 -15.87 -2.41 -15.47
CA ILE A 273 -17.22 -2.96 -15.59
C ILE A 273 -17.78 -2.78 -17.00
N ASP A 274 -17.24 -1.86 -17.78
CA ASP A 274 -17.80 -1.58 -19.10
C ASP A 274 -17.68 -2.78 -20.04
N SER A 275 -16.45 -3.24 -20.27
CA SER A 275 -16.21 -4.32 -21.24
C SER A 275 -16.98 -5.57 -20.87
N LYS A 276 -16.79 -6.06 -19.64
CA LYS A 276 -17.50 -7.26 -19.21
C LYS A 276 -19.01 -7.05 -19.20
N LEU A 277 -19.45 -5.83 -18.95
CA LEU A 277 -20.86 -5.49 -19.15
C LEU A 277 -21.31 -5.92 -20.55
N ASN A 278 -20.62 -5.40 -21.58
CA ASN A 278 -21.03 -5.69 -22.95
C ASN A 278 -20.92 -7.17 -23.27
N GLN A 279 -19.76 -7.77 -23.01
CA GLN A 279 -19.54 -9.17 -23.38
C GLN A 279 -20.52 -10.09 -22.66
N ALA A 280 -20.54 -10.03 -21.33
CA ALA A 280 -21.36 -10.95 -20.55
C ALA A 280 -22.85 -10.72 -20.80
N LYS A 281 -23.28 -9.46 -20.89
CA LYS A 281 -24.68 -9.20 -21.24
C LYS A 281 -24.99 -9.69 -22.63
N GLY A 282 -23.98 -9.80 -23.50
CA GLY A 282 -24.19 -10.23 -24.87
C GLY A 282 -24.33 -11.73 -25.00
N TRP A 283 -23.48 -12.49 -24.32
CA TRP A 283 -23.44 -13.94 -24.52
C TRP A 283 -23.84 -14.73 -23.28
N LEU A 284 -24.49 -14.10 -22.31
CA LEU A 284 -25.22 -14.87 -21.30
C LEU A 284 -26.68 -15.09 -21.73
N ARG A 285 -27.31 -14.05 -22.27
CA ARG A 285 -28.72 -14.12 -22.66
C ARG A 285 -28.99 -15.20 -23.69
N ASP A 286 -27.96 -15.85 -24.22
CA ASP A 286 -28.16 -17.03 -25.05
C ASP A 286 -28.87 -18.11 -24.24
N PRO A 287 -29.60 -19.02 -24.90
CA PRO A 287 -30.37 -20.02 -24.14
C PRO A 287 -29.52 -20.97 -23.31
N SER A 288 -28.21 -21.05 -23.56
CA SER A 288 -27.36 -21.93 -22.76
C SER A 288 -25.89 -21.61 -23.00
N ALA A 289 -25.10 -21.72 -21.93
CA ALA A 289 -23.65 -21.73 -22.02
C ALA A 289 -23.15 -22.50 -20.81
N SER A 290 -22.44 -23.60 -21.05
CA SER A 290 -22.07 -24.54 -20.01
C SER A 290 -21.41 -23.81 -18.83
N PRO A 291 -21.97 -23.93 -17.62
CA PRO A 291 -21.42 -23.20 -16.47
C PRO A 291 -19.94 -23.52 -16.23
N GLY A 292 -19.27 -22.61 -15.52
CA GLY A 292 -17.83 -22.63 -15.42
C GLY A 292 -17.12 -22.00 -16.59
N ASP A 293 -17.83 -21.76 -17.70
CA ASP A 293 -17.24 -21.10 -18.86
C ASP A 293 -16.79 -19.70 -18.48
N ALA A 294 -15.72 -19.25 -19.16
CA ALA A 294 -15.21 -17.91 -18.90
C ALA A 294 -16.24 -16.84 -19.24
N GLY A 295 -17.08 -17.10 -20.24
CA GLY A 295 -18.18 -16.20 -20.55
C GLY A 295 -19.29 -16.22 -19.52
N GLU A 296 -19.46 -17.33 -18.81
CA GLU A 296 -20.42 -17.35 -17.71
C GLU A 296 -19.91 -16.56 -16.51
N GLN A 297 -18.72 -16.93 -16.01
CA GLN A 297 -18.08 -16.15 -14.94
C GLN A 297 -18.01 -14.67 -15.28
N ALA A 298 -18.12 -14.31 -16.56
CA ALA A 298 -18.05 -12.93 -16.99
C ALA A 298 -19.16 -12.06 -16.39
N ILE A 299 -20.20 -12.64 -15.81
CA ILE A 299 -21.14 -11.89 -14.99
C ILE A 299 -20.85 -12.08 -13.51
N ARG A 300 -20.46 -13.30 -13.10
CA ARG A 300 -20.27 -13.59 -11.69
C ARG A 300 -19.20 -12.72 -11.06
N GLN A 301 -18.20 -12.30 -11.84
CA GLN A 301 -17.18 -11.39 -11.36
C GLN A 301 -17.56 -9.93 -11.55
N ILE A 302 -18.48 -9.64 -12.49
CA ILE A 302 -18.97 -8.26 -12.66
C ILE A 302 -19.51 -7.73 -11.33
N LEU A 303 -20.36 -8.53 -10.68
CA LEU A 303 -20.90 -8.16 -9.38
C LEU A 303 -19.78 -7.90 -8.37
N ASP A 304 -18.67 -8.64 -8.49
CA ASP A 304 -17.52 -8.40 -7.62
C ASP A 304 -17.04 -6.96 -7.75
N GLU A 305 -16.98 -6.43 -8.97
CA GLU A 305 -16.59 -5.04 -9.16
C GLU A 305 -17.53 -4.09 -8.42
N ALA A 306 -18.81 -4.46 -8.29
CA ALA A 306 -19.72 -3.65 -7.51
C ALA A 306 -19.42 -3.78 -6.02
N GLY A 307 -19.07 -4.99 -5.57
CA GLY A 307 -18.79 -5.19 -4.15
C GLY A 307 -17.66 -4.31 -3.64
N LYS A 308 -16.57 -4.23 -4.39
CA LYS A 308 -15.48 -3.35 -4.01
C LYS A 308 -15.91 -1.89 -3.95
N VAL A 309 -16.96 -1.53 -4.71
CA VAL A 309 -17.53 -0.20 -4.57
C VAL A 309 -18.36 -0.12 -3.29
N GLY A 310 -19.15 -1.16 -3.01
CA GLY A 310 -19.95 -1.17 -1.79
C GLY A 310 -19.12 -1.12 -0.52
N GLU A 311 -17.91 -1.69 -0.56
CA GLU A 311 -17.01 -1.61 0.58
C GLU A 311 -16.33 -0.26 0.71
N LEU A 312 -16.47 0.62 -0.29
CA LEU A 312 -15.91 1.95 -0.22
C LEU A 312 -16.92 3.00 0.23
N CYS A 313 -18.16 2.92 -0.22
CA CYS A 313 -19.19 3.78 0.33
C CYS A 313 -19.42 3.44 1.80
N ALA A 314 -19.93 4.41 2.56
CA ALA A 314 -20.10 4.23 3.98
C ALA A 314 -21.13 3.14 4.28
N GLY A 315 -21.26 2.81 5.56
CA GLY A 315 -22.09 1.69 5.97
C GLY A 315 -23.54 1.82 5.55
N LYS A 316 -24.03 3.06 5.40
CA LYS A 316 -25.43 3.25 5.04
C LYS A 316 -25.65 3.11 3.53
N GLU A 317 -24.86 3.81 2.72
CA GLU A 317 -25.02 3.70 1.27
C GLU A 317 -24.70 2.30 0.76
N ARG A 318 -24.18 1.41 1.62
CA ARG A 318 -23.94 0.04 1.24
C ARG A 318 -25.22 -0.67 0.83
N ARG A 319 -26.38 -0.15 1.23
CA ARG A 319 -27.69 -0.74 0.99
C ARG A 319 -27.87 -1.20 -0.45
N GLU A 320 -27.92 -0.24 -1.37
CA GLU A 320 -28.25 -0.54 -2.76
C GLU A 320 -27.30 -1.59 -3.34
N ILE A 321 -26.00 -1.37 -3.20
CA ILE A 321 -25.03 -2.25 -3.85
C ILE A 321 -25.05 -3.63 -3.23
N LEU A 322 -25.27 -3.72 -1.92
CA LEU A 322 -25.22 -5.02 -1.25
C LEU A 322 -26.48 -5.83 -1.54
N GLY A 323 -27.66 -5.22 -1.40
CA GLY A 323 -28.89 -5.93 -1.66
C GLY A 323 -29.02 -6.31 -3.13
N THR A 324 -28.78 -5.34 -4.02
CA THR A 324 -28.78 -5.65 -5.45
C THR A 324 -27.76 -6.72 -5.78
N CYS A 325 -26.56 -6.64 -5.19
CA CYS A 325 -25.53 -7.64 -5.47
C CYS A 325 -25.98 -9.03 -5.04
N LYS A 326 -26.65 -9.14 -3.89
CA LYS A 326 -27.11 -10.45 -3.44
C LYS A 326 -28.21 -11.00 -4.35
N MET A 327 -29.18 -10.16 -4.70
CA MET A 327 -30.27 -10.63 -5.57
C MET A 327 -29.74 -11.03 -6.95
N LEU A 328 -28.91 -10.18 -7.56
CA LEU A 328 -28.31 -10.51 -8.84
C LEU A 328 -27.48 -11.78 -8.74
N GLY A 329 -26.80 -11.98 -7.60
CA GLY A 329 -25.96 -13.15 -7.45
C GLY A 329 -26.76 -14.44 -7.34
N GLN A 330 -27.88 -14.40 -6.61
CA GLN A 330 -28.69 -15.61 -6.45
C GLN A 330 -29.54 -15.89 -7.69
N MET A 331 -29.96 -14.85 -8.42
CA MET A 331 -30.79 -15.07 -9.60
C MET A 331 -29.96 -15.56 -10.78
N THR A 332 -28.67 -15.18 -10.85
CA THR A 332 -27.79 -15.75 -11.86
C THR A 332 -27.43 -17.20 -11.51
N ASP A 333 -27.27 -17.49 -10.23
CA ASP A 333 -27.08 -18.86 -9.77
C ASP A 333 -28.17 -19.77 -10.31
N GLN A 334 -29.43 -19.32 -10.21
CA GLN A 334 -30.55 -20.07 -10.76
C GLN A 334 -30.45 -20.19 -12.28
N VAL A 335 -29.89 -19.17 -12.94
CA VAL A 335 -29.71 -19.24 -14.39
C VAL A 335 -28.77 -20.39 -14.74
N ALA A 336 -27.62 -20.46 -14.06
CA ALA A 336 -26.65 -21.52 -14.33
C ALA A 336 -27.22 -22.90 -13.98
N ASP A 337 -27.92 -23.00 -12.85
CA ASP A 337 -28.46 -24.29 -12.43
C ASP A 337 -29.53 -24.78 -13.39
N LEU A 338 -30.51 -23.92 -13.70
CA LEU A 338 -31.61 -24.32 -14.57
C LEU A 338 -31.12 -24.61 -15.99
N ARG A 339 -30.29 -23.72 -16.54
CA ARG A 339 -29.82 -23.91 -17.91
C ARG A 339 -28.95 -25.16 -18.07
N ALA A 340 -28.35 -25.64 -17.00
CA ALA A 340 -27.49 -26.82 -17.04
C ALA A 340 -28.23 -28.10 -16.68
N ARG A 341 -29.55 -28.08 -16.69
CA ARG A 341 -30.34 -29.28 -16.42
C ARG A 341 -31.20 -29.61 -17.64
N GLY A 342 -32.23 -30.44 -17.45
CA GLY A 342 -33.07 -30.86 -18.55
C GLY A 342 -33.96 -29.77 -19.11
N GLN A 343 -34.12 -28.65 -18.41
CA GLN A 343 -35.05 -27.60 -18.79
C GLN A 343 -34.30 -26.29 -18.99
N GLY A 344 -34.20 -25.85 -20.25
CA GLY A 344 -33.79 -24.50 -20.56
C GLY A 344 -34.86 -23.86 -21.42
N SER A 345 -34.94 -22.52 -21.35
CA SER A 345 -35.90 -21.70 -22.09
C SER A 345 -37.34 -21.88 -21.61
N SER A 346 -37.57 -22.58 -20.50
CA SER A 346 -38.81 -22.34 -19.77
C SER A 346 -38.75 -20.90 -19.26
N PRO A 347 -39.78 -20.07 -19.51
CA PRO A 347 -39.65 -18.62 -19.30
C PRO A 347 -38.88 -18.20 -18.05
N VAL A 348 -38.84 -19.07 -17.03
CA VAL A 348 -38.00 -18.82 -15.87
C VAL A 348 -36.53 -18.72 -16.23
N ALA A 349 -36.11 -19.34 -17.33
CA ALA A 349 -34.74 -19.20 -17.81
C ALA A 349 -34.55 -17.94 -18.65
N MET A 350 -35.63 -17.41 -19.24
CA MET A 350 -35.58 -16.18 -20.02
C MET A 350 -36.09 -14.98 -19.24
N GLN A 351 -37.30 -15.07 -18.69
CA GLN A 351 -37.93 -13.89 -18.09
C GLN A 351 -37.26 -13.47 -16.79
N LYS A 352 -36.65 -14.41 -16.05
CA LYS A 352 -35.94 -14.01 -14.85
C LYS A 352 -34.59 -13.38 -15.20
N ALA A 353 -33.75 -14.12 -15.93
CA ALA A 353 -32.44 -13.62 -16.32
C ALA A 353 -32.52 -12.29 -17.06
N GLN A 354 -33.60 -12.08 -17.83
CA GLN A 354 -33.76 -10.82 -18.57
C GLN A 354 -33.98 -9.65 -17.63
N GLN A 355 -34.99 -9.75 -16.75
CA GLN A 355 -35.22 -8.69 -15.77
C GLN A 355 -33.99 -8.44 -14.92
N VAL A 356 -33.29 -9.52 -14.55
CA VAL A 356 -32.05 -9.41 -13.79
C VAL A 356 -31.06 -8.55 -14.56
N SER A 357 -30.54 -9.07 -15.67
CA SER A 357 -29.48 -8.37 -16.42
C SER A 357 -29.87 -6.94 -16.78
N GLN A 358 -31.13 -6.75 -17.19
CA GLN A 358 -31.67 -5.39 -17.29
C GLN A 358 -31.51 -4.65 -15.97
N GLY A 359 -31.43 -5.38 -14.85
CA GLY A 359 -31.03 -4.78 -13.59
C GLY A 359 -29.53 -4.67 -13.41
N LEU A 360 -28.74 -5.48 -14.10
CA LEU A 360 -27.30 -5.30 -14.11
C LEU A 360 -26.95 -3.93 -14.67
N ASP A 361 -27.68 -3.51 -15.70
CA ASP A 361 -27.62 -2.14 -16.17
C ASP A 361 -28.06 -1.12 -15.12
N VAL A 362 -28.69 -1.55 -14.03
CA VAL A 362 -29.11 -0.65 -12.97
C VAL A 362 -28.03 -0.54 -11.89
N LEU A 363 -27.52 -1.66 -11.39
CA LEU A 363 -26.43 -1.60 -10.42
C LEU A 363 -25.16 -1.04 -11.04
N THR A 364 -24.98 -1.18 -12.35
CA THR A 364 -23.90 -0.44 -13.00
C THR A 364 -24.14 1.07 -12.94
N ALA A 365 -25.39 1.50 -12.76
CA ALA A 365 -25.67 2.92 -12.65
C ALA A 365 -25.61 3.42 -11.22
N LYS A 366 -25.94 2.56 -10.25
CA LYS A 366 -25.87 2.95 -8.84
C LYS A 366 -24.45 3.29 -8.42
N VAL A 367 -23.47 2.56 -8.95
CA VAL A 367 -22.09 2.72 -8.51
C VAL A 367 -21.51 4.05 -9.00
N GLU A 368 -21.97 4.55 -10.15
CA GLU A 368 -21.48 5.84 -10.63
C GLU A 368 -22.01 6.98 -9.78
N ASN A 369 -23.21 6.81 -9.20
CA ASN A 369 -23.75 7.82 -8.30
C ASN A 369 -22.85 8.00 -7.09
N ALA A 370 -22.42 6.90 -6.48
CA ALA A 370 -21.49 6.98 -5.37
C ALA A 370 -20.12 7.48 -5.83
N ALA A 371 -19.69 7.07 -7.03
CA ALA A 371 -18.43 7.54 -7.58
C ALA A 371 -18.49 9.04 -7.86
N ARG A 372 -19.56 9.53 -8.47
CA ARG A 372 -19.57 10.94 -8.70
C ARG A 372 -19.72 11.60 -7.39
N LYS A 373 -20.50 10.98 -6.52
CA LYS A 373 -20.75 11.63 -5.26
C LYS A 373 -19.47 11.92 -4.54
N LEU A 374 -18.79 10.86 -4.15
CA LEU A 374 -17.53 10.95 -3.42
C LEU A 374 -16.53 11.94 -4.00
N GLU A 375 -16.33 11.91 -5.32
CA GLU A 375 -15.43 12.82 -5.98
C GLU A 375 -15.95 14.24 -5.74
N ALA A 376 -17.06 14.60 -6.35
CA ALA A 376 -17.43 15.96 -5.97
C ALA A 376 -17.06 16.26 -4.52
N MET A 377 -17.07 15.25 -3.65
CA MET A 377 -16.74 15.47 -2.25
C MET A 377 -15.25 15.70 -2.05
N THR A 378 -14.42 15.04 -2.85
CA THR A 378 -12.98 15.25 -2.74
C THR A 378 -12.54 16.53 -3.45
N ASN A 379 -13.06 16.77 -4.65
CA ASN A 379 -12.73 18.01 -5.36
C ASN A 379 -13.23 19.23 -4.59
N SER A 380 -14.42 19.14 -4.00
CA SER A 380 -14.88 20.21 -3.13
C SER A 380 -14.05 20.28 -1.85
N LYS A 381 -13.69 19.12 -1.30
CA LYS A 381 -12.88 19.06 -0.09
C LYS A 381 -11.58 19.83 -0.26
N GLN A 382 -10.81 19.51 -1.30
CA GLN A 382 -9.54 20.19 -1.51
C GLN A 382 -9.71 21.59 -2.08
N SER A 383 -10.75 21.81 -2.89
CA SER A 383 -10.94 23.13 -3.49
C SER A 383 -11.27 24.18 -2.43
N ILE A 384 -12.06 23.80 -1.43
CA ILE A 384 -12.40 24.74 -0.36
C ILE A 384 -11.18 24.98 0.52
N ALA A 385 -10.63 23.90 1.09
CA ALA A 385 -9.60 24.03 2.12
C ALA A 385 -8.31 24.61 1.55
N LYS A 386 -7.91 24.19 0.36
CA LYS A 386 -6.60 24.54 -0.17
C LYS A 386 -6.64 25.81 -1.03
N LYS A 387 -7.56 25.88 -1.99
CA LYS A 387 -7.49 26.91 -3.02
C LYS A 387 -7.92 28.28 -2.51
N ILE A 388 -8.92 28.36 -1.62
CA ILE A 388 -9.46 29.63 -1.17
C ILE A 388 -9.14 29.89 0.30
N ASP A 389 -9.19 28.86 1.15
CA ASP A 389 -9.04 29.08 2.59
C ASP A 389 -7.61 29.48 2.92
N ALA A 390 -6.64 28.77 2.35
CA ALA A 390 -5.24 29.14 2.58
C ALA A 390 -4.87 30.41 1.83
N ALA A 391 -5.21 30.48 0.55
CA ALA A 391 -4.76 31.58 -0.30
C ALA A 391 -5.21 32.94 0.24
N GLN A 392 -6.44 33.03 0.71
CA GLN A 392 -6.95 34.27 1.30
C GLN A 392 -6.84 34.27 2.82
N ASN A 393 -6.44 33.16 3.43
CA ASN A 393 -5.97 33.22 4.81
C ASN A 393 -4.65 33.99 4.89
N TRP A 394 -3.75 33.74 3.93
CA TRP A 394 -2.55 34.57 3.81
C TRP A 394 -2.92 36.02 3.50
N LEU A 395 -3.80 36.21 2.52
CA LEU A 395 -4.18 37.55 2.06
C LEU A 395 -5.34 38.13 2.87
N ALA A 396 -5.46 37.76 4.15
CA ALA A 396 -6.37 38.48 5.03
C ALA A 396 -5.93 39.92 5.20
N ASP A 397 -4.65 40.22 4.97
CA ASP A 397 -4.15 41.58 5.00
C ASP A 397 -3.01 41.75 3.99
N PRO A 402 -10.42 43.42 1.01
CA PRO A 402 -10.32 43.54 -0.45
C PRO A 402 -11.39 42.76 -1.20
N GLU A 403 -10.97 41.74 -1.95
CA GLU A 403 -11.88 41.01 -2.81
C GLU A 403 -12.57 39.89 -2.05
N GLY A 404 -13.74 39.49 -2.54
CA GLY A 404 -14.67 38.74 -1.72
C GLY A 404 -14.87 37.26 -2.01
N GLU A 405 -15.24 36.92 -3.26
CA GLU A 405 -15.88 35.63 -3.55
C GLU A 405 -14.93 34.46 -3.41
N GLU A 406 -13.75 34.69 -2.85
CA GLU A 406 -12.93 33.60 -2.37
C GLU A 406 -13.54 32.98 -1.12
N GLN A 407 -13.78 33.78 -0.08
CA GLN A 407 -14.44 33.27 1.11
C GLN A 407 -15.89 32.89 0.82
N ILE A 408 -16.53 33.52 -0.16
CA ILE A 408 -17.86 33.10 -0.57
C ILE A 408 -17.80 31.73 -1.23
N ARG A 409 -16.87 31.56 -2.19
CA ARG A 409 -16.72 30.28 -2.88
C ARG A 409 -16.39 29.16 -1.91
N GLY A 410 -15.62 29.44 -0.87
CA GLY A 410 -15.37 28.43 0.14
C GLY A 410 -16.58 28.17 1.02
N ALA A 411 -17.23 29.24 1.48
CA ALA A 411 -18.35 29.09 2.40
C ALA A 411 -19.57 28.48 1.74
N LEU A 412 -19.71 28.64 0.41
CA LEU A 412 -20.89 28.11 -0.26
C LEU A 412 -20.80 26.61 -0.48
N ALA A 413 -19.63 26.12 -0.89
CA ALA A 413 -19.46 24.69 -1.15
C ALA A 413 -19.22 23.88 0.12
N GLU A 414 -19.11 24.52 1.28
CA GLU A 414 -18.86 23.80 2.52
C GLU A 414 -20.05 22.95 2.92
N ALA A 415 -21.26 23.52 2.85
CA ALA A 415 -22.45 22.92 3.44
C ALA A 415 -23.36 22.27 2.41
N ALA A 463 -10.31 40.30 13.68
CA ALA A 463 -9.34 40.40 12.58
C ALA A 463 -8.78 39.02 12.25
N LYS A 464 -7.56 38.75 12.74
CA LYS A 464 -6.97 37.43 12.53
C LYS A 464 -7.67 36.35 13.33
N GLN A 465 -8.48 36.73 14.33
CA GLN A 465 -9.30 35.74 15.03
C GLN A 465 -10.42 35.23 14.13
N VAL A 466 -10.88 36.05 13.18
CA VAL A 466 -11.86 35.59 12.20
C VAL A 466 -11.26 34.47 11.35
N ALA A 467 -10.00 34.63 10.94
CA ALA A 467 -9.30 33.57 10.22
C ALA A 467 -9.10 32.34 11.11
N THR A 468 -8.90 32.55 12.42
CA THR A 468 -8.82 31.41 13.33
C THR A 468 -10.13 30.66 13.39
N ALA A 469 -11.25 31.39 13.41
CA ALA A 469 -12.56 30.75 13.31
C ALA A 469 -12.69 30.02 11.99
N LEU A 470 -12.10 30.56 10.92
CA LEU A 470 -12.09 29.87 9.63
C LEU A 470 -11.35 28.55 9.73
N GLN A 471 -10.23 28.53 10.47
CA GLN A 471 -9.52 27.27 10.67
C GLN A 471 -10.34 26.29 11.50
N ASN A 472 -11.03 26.78 12.53
CA ASN A 472 -11.92 25.93 13.32
C ASN A 472 -12.97 25.25 12.43
N LEU A 473 -13.71 26.06 11.67
CA LEU A 473 -14.76 25.49 10.82
C LEU A 473 -14.17 24.57 9.75
N GLN A 474 -12.96 24.87 9.27
CA GLN A 474 -12.28 23.94 8.37
C GLN A 474 -12.08 22.59 9.03
N THR A 475 -11.59 22.58 10.27
CA THR A 475 -11.41 21.33 10.99
C THR A 475 -12.75 20.60 11.16
N LYS A 476 -13.84 21.36 11.35
CA LYS A 476 -15.16 20.73 11.44
C LYS A 476 -15.53 20.03 10.14
N THR A 477 -15.36 20.73 9.02
CA THR A 477 -15.64 20.12 7.72
C THR A 477 -14.80 18.87 7.49
N ASN A 478 -13.51 18.93 7.88
CA ASN A 478 -12.65 17.76 7.76
C ASN A 478 -13.15 16.62 8.65
N ARG A 479 -13.77 16.95 9.80
CA ARG A 479 -14.34 15.92 10.64
C ARG A 479 -15.51 15.22 9.96
N ALA A 480 -16.46 16.00 9.44
CA ALA A 480 -17.59 15.40 8.72
C ALA A 480 -17.13 14.58 7.53
N VAL A 481 -16.18 15.10 6.76
CA VAL A 481 -15.66 14.37 5.61
C VAL A 481 -15.00 13.07 6.05
N ALA A 482 -14.24 13.12 7.14
CA ALA A 482 -13.57 11.92 7.63
C ALA A 482 -14.57 10.86 8.08
N ASN A 483 -15.65 11.27 8.74
CA ASN A 483 -16.67 10.30 9.15
C ASN A 483 -17.43 9.75 7.95
N SER A 484 -17.57 10.55 6.87
CA SER A 484 -18.36 10.13 5.72
C SER A 484 -17.85 8.83 5.09
N ARG A 485 -16.61 8.45 5.35
CA ARG A 485 -16.06 7.25 4.75
C ARG A 485 -15.89 6.16 5.79
N PRO A 486 -16.17 4.91 5.42
CA PRO A 486 -16.09 3.82 6.39
C PRO A 486 -14.65 3.42 6.67
N ALA A 487 -14.44 2.84 7.85
CA ALA A 487 -13.13 2.32 8.21
C ALA A 487 -12.75 1.17 7.28
N LYS A 488 -11.46 1.08 6.98
CA LYS A 488 -10.95 0.12 6.01
C LYS A 488 -10.08 -0.92 6.70
N ALA A 489 -10.29 -2.18 6.34
CA ALA A 489 -9.43 -3.25 6.82
C ALA A 489 -8.09 -3.21 6.08
N ALA A 490 -7.12 -3.93 6.63
CA ALA A 490 -5.80 -3.99 6.01
C ALA A 490 -5.87 -4.71 4.68
N VAL A 491 -4.76 -4.67 3.95
CA VAL A 491 -4.67 -5.32 2.64
C VAL A 491 -3.93 -6.64 2.72
N HIS A 492 -2.87 -6.71 3.50
CA HIS A 492 -2.17 -7.98 3.66
C HIS A 492 -2.94 -8.88 4.62
N LEU A 493 -2.70 -10.18 4.50
CA LEU A 493 -3.60 -11.19 5.08
C LEU A 493 -3.65 -11.11 6.60
N GLU A 494 -2.47 -11.14 7.25
CA GLU A 494 -2.45 -11.22 8.71
C GLU A 494 -3.08 -9.98 9.34
N GLY A 495 -3.08 -8.85 8.63
CA GLY A 495 -3.82 -7.69 9.13
C GLY A 495 -5.32 -7.92 9.13
N LYS A 496 -5.85 -8.49 8.04
CA LYS A 496 -7.28 -8.77 7.97
C LYS A 496 -7.69 -9.80 9.02
N ILE A 497 -7.00 -10.94 9.06
CA ILE A 497 -7.37 -11.96 10.04
C ILE A 497 -7.10 -11.50 11.46
N GLU A 498 -6.19 -10.54 11.65
CA GLU A 498 -5.93 -10.02 12.99
C GLU A 498 -7.02 -9.06 13.44
N GLN A 499 -7.52 -8.23 12.53
CA GLN A 499 -8.64 -7.34 12.87
C GLN A 499 -9.91 -8.14 13.10
N ALA A 500 -10.23 -9.05 12.17
CA ALA A 500 -11.32 -9.98 12.39
C ALA A 500 -11.17 -10.71 13.71
N GLN A 501 -9.94 -11.13 14.03
CA GLN A 501 -9.68 -11.80 15.30
C GLN A 501 -9.99 -10.88 16.48
N ARG A 502 -9.58 -9.61 16.38
CA ARG A 502 -9.82 -8.68 17.48
C ARG A 502 -11.30 -8.35 17.64
N TRP A 503 -12.11 -8.56 16.60
CA TRP A 503 -13.55 -8.32 16.76
C TRP A 503 -14.32 -9.55 17.19
N ILE A 504 -13.90 -10.76 16.77
CA ILE A 504 -14.73 -11.93 17.02
C ILE A 504 -14.69 -12.37 18.48
N ASP A 505 -13.57 -12.15 19.16
CA ASP A 505 -13.41 -12.69 20.51
C ASP A 505 -13.94 -11.78 21.61
N ASN A 506 -13.85 -10.46 21.42
CA ASN A 506 -14.39 -9.51 22.38
C ASN A 506 -15.06 -8.38 21.61
N PRO A 507 -16.25 -8.62 21.07
CA PRO A 507 -16.93 -7.60 20.26
C PRO A 507 -17.45 -6.45 21.11
N THR A 508 -16.59 -5.48 21.42
CA THR A 508 -17.08 -4.24 22.01
C THR A 508 -18.13 -3.64 21.10
N VAL A 509 -19.34 -3.47 21.61
CA VAL A 509 -20.50 -3.21 20.77
C VAL A 509 -20.37 -1.88 20.04
N ASP A 510 -20.54 -1.91 18.72
CA ASP A 510 -20.62 -0.74 17.85
C ASP A 510 -19.31 0.06 17.83
N ASP A 511 -18.21 -0.65 17.62
CA ASP A 511 -16.97 -0.04 17.17
C ASP A 511 -16.16 -1.12 16.47
N ARG A 512 -15.17 -0.67 15.69
CA ARG A 512 -14.35 -1.55 14.86
C ARG A 512 -15.23 -2.42 13.95
N GLY A 513 -15.87 -1.74 13.01
CA GLY A 513 -16.46 -2.39 11.86
C GLY A 513 -15.35 -2.80 10.91
N VAL A 514 -14.12 -2.58 11.36
CA VAL A 514 -12.93 -3.02 10.65
C VAL A 514 -12.79 -4.53 10.69
N GLY A 515 -13.21 -5.16 11.79
CA GLY A 515 -13.18 -6.61 11.85
C GLY A 515 -14.21 -7.24 10.93
N GLN A 516 -15.43 -6.70 10.94
CA GLN A 516 -16.45 -7.15 10.00
C GLN A 516 -16.02 -6.88 8.57
N ALA A 517 -15.39 -5.74 8.32
CA ALA A 517 -14.91 -5.43 6.97
C ALA A 517 -13.78 -6.37 6.56
N ALA A 518 -12.99 -6.83 7.53
CA ALA A 518 -11.93 -7.79 7.22
C ALA A 518 -12.52 -9.16 6.90
N ILE A 519 -13.52 -9.59 7.66
CA ILE A 519 -14.21 -10.83 7.33
C ILE A 519 -14.84 -10.74 5.95
N ARG A 520 -15.45 -9.58 5.64
CA ARG A 520 -16.11 -9.42 4.35
C ARG A 520 -15.11 -9.40 3.19
N GLY A 521 -13.96 -8.75 3.39
CA GLY A 521 -12.93 -8.77 2.36
C GLY A 521 -12.36 -10.16 2.16
N LEU A 522 -12.20 -10.91 3.25
CA LEU A 522 -11.70 -12.28 3.12
C LEU A 522 -12.71 -13.18 2.42
N VAL A 523 -13.99 -13.04 2.74
CA VAL A 523 -15.02 -13.85 2.09
C VAL A 523 -15.14 -13.47 0.62
N ALA A 524 -15.03 -12.18 0.31
CA ALA A 524 -15.04 -11.75 -1.08
C ALA A 524 -13.86 -12.33 -1.85
N GLU A 525 -12.68 -12.33 -1.22
CA GLU A 525 -11.51 -12.91 -1.86
C GLU A 525 -11.65 -14.42 -2.01
N GLY A 526 -12.40 -15.06 -1.11
CA GLY A 526 -12.67 -16.48 -1.27
C GLY A 526 -13.64 -16.75 -2.40
N HIS A 527 -14.61 -15.86 -2.59
CA HIS A 527 -15.49 -15.96 -3.76
C HIS A 527 -14.71 -15.77 -5.05
N ARG A 528 -13.74 -14.85 -5.04
CA ARG A 528 -12.93 -14.61 -6.24
C ARG A 528 -12.03 -15.81 -6.55
N LEU A 529 -11.45 -16.43 -5.51
CA LEU A 529 -10.64 -17.62 -5.73
C LEU A 529 -11.47 -18.82 -6.15
N ALA A 530 -12.76 -18.82 -5.85
CA ALA A 530 -13.59 -19.99 -6.09
C ALA A 530 -14.07 -20.07 -7.53
N ASN A 531 -14.34 -18.93 -8.17
CA ASN A 531 -14.97 -18.90 -9.49
C ASN A 531 -14.22 -19.72 -10.53
N VAL A 532 -12.93 -19.99 -10.33
CA VAL A 532 -12.14 -20.71 -11.32
C VAL A 532 -12.33 -22.22 -11.20
N MET A 533 -12.64 -22.73 -10.00
CA MET A 533 -12.68 -24.16 -9.76
C MET A 533 -13.95 -24.78 -10.34
N MET A 534 -14.13 -26.09 -10.13
CA MET A 534 -15.22 -26.83 -10.75
C MET A 534 -15.91 -27.76 -9.76
N GLY A 535 -15.26 -28.88 -9.43
CA GLY A 535 -15.79 -29.83 -8.47
C GLY A 535 -15.55 -29.40 -7.04
N PRO A 536 -14.28 -29.19 -6.67
CA PRO A 536 -13.97 -28.61 -5.35
C PRO A 536 -14.44 -27.16 -5.25
N TYR A 537 -15.07 -26.66 -6.31
CA TYR A 537 -15.60 -25.30 -6.31
C TYR A 537 -16.68 -25.12 -5.26
N ARG A 538 -17.55 -26.12 -5.08
CA ARG A 538 -18.68 -25.95 -4.18
C ARG A 538 -18.25 -26.09 -2.71
N GLN A 539 -17.28 -26.96 -2.43
CA GLN A 539 -16.92 -27.26 -1.04
C GLN A 539 -16.19 -26.10 -0.39
N ASP A 540 -15.32 -25.40 -1.14
CA ASP A 540 -14.62 -24.27 -0.58
C ASP A 540 -15.47 -23.00 -0.60
N LEU A 541 -16.34 -22.85 -1.59
CA LEU A 541 -17.17 -21.65 -1.68
C LEU A 541 -18.41 -21.76 -0.79
N LEU A 542 -19.30 -22.70 -1.12
CA LEU A 542 -20.60 -22.76 -0.45
C LEU A 542 -20.45 -23.04 1.04
N ALA A 543 -19.66 -24.06 1.38
CA ALA A 543 -19.55 -24.46 2.79
C ALA A 543 -18.84 -23.41 3.61
N LYS A 544 -17.61 -23.06 3.21
CA LYS A 544 -16.75 -22.25 4.08
C LYS A 544 -17.10 -20.77 4.00
N CYS A 545 -17.25 -20.22 2.80
CA CYS A 545 -17.53 -18.79 2.68
C CYS A 545 -18.92 -18.45 3.22
N ASP A 546 -19.94 -19.21 2.81
CA ASP A 546 -21.27 -18.96 3.34
C ASP A 546 -21.40 -19.38 4.79
N ARG A 547 -20.57 -20.31 5.26
CA ARG A 547 -20.57 -20.65 6.68
C ARG A 547 -19.99 -19.51 7.52
N VAL A 548 -18.96 -18.83 7.00
CA VAL A 548 -18.39 -17.70 7.72
C VAL A 548 -19.34 -16.50 7.66
N ASP A 549 -19.94 -16.26 6.49
CA ASP A 549 -20.94 -15.21 6.37
C ASP A 549 -22.11 -15.44 7.33
N GLN A 550 -22.62 -16.66 7.37
CA GLN A 550 -23.73 -16.98 8.27
C GLN A 550 -23.32 -16.85 9.73
N LEU A 551 -22.20 -17.47 10.11
CA LEU A 551 -21.73 -17.41 11.49
C LEU A 551 -21.53 -15.97 11.94
N THR A 552 -20.91 -15.14 11.10
CA THR A 552 -20.70 -13.74 11.46
C THR A 552 -22.02 -12.98 11.53
N ALA A 553 -22.98 -13.32 10.68
CA ALA A 553 -24.31 -12.74 10.80
C ALA A 553 -24.96 -13.12 12.13
N GLN A 554 -24.67 -14.33 12.62
CA GLN A 554 -25.19 -14.73 13.92
C GLN A 554 -24.51 -13.96 15.05
N LEU A 555 -23.20 -13.75 14.95
CA LEU A 555 -22.51 -12.98 15.97
C LEU A 555 -22.80 -11.49 15.89
N ALA A 556 -23.37 -11.01 14.79
CA ALA A 556 -23.73 -9.60 14.66
C ALA A 556 -25.17 -9.35 15.11
N ASP A 557 -26.12 -10.06 14.50
CA ASP A 557 -27.50 -10.01 14.98
C ASP A 557 -27.58 -10.39 16.46
N LEU A 558 -26.74 -11.31 16.88
CA LEU A 558 -26.67 -11.79 18.25
C LEU A 558 -25.88 -10.86 19.17
N ALA A 559 -25.53 -9.66 18.70
CA ALA A 559 -24.75 -8.74 19.53
C ALA A 559 -25.35 -7.34 19.50
N ALA A 560 -26.01 -6.97 18.39
CA ALA A 560 -26.61 -5.64 18.30
C ALA A 560 -28.00 -5.64 18.92
N ARG A 561 -28.86 -6.56 18.47
CA ARG A 561 -30.21 -6.69 19.02
C ARG A 561 -30.24 -7.46 20.33
N GLY A 562 -29.16 -8.13 20.71
CA GLY A 562 -29.13 -8.84 21.99
C GLY A 562 -27.89 -8.63 22.83
N GLU A 563 -27.46 -9.68 23.53
CA GLU A 563 -26.33 -9.58 24.45
C GLU A 563 -25.00 -9.85 23.76
N GLY A 564 -23.94 -9.28 24.32
CA GLY A 564 -22.64 -9.33 23.66
C GLY A 564 -21.56 -10.11 24.39
N GLU A 565 -21.67 -10.21 25.71
CA GLU A 565 -20.64 -10.82 26.53
C GLU A 565 -21.02 -12.22 27.03
N SER A 566 -22.25 -12.66 26.79
CA SER A 566 -22.68 -13.97 27.24
C SER A 566 -21.87 -15.05 26.54
N PRO A 567 -21.68 -16.21 27.19
CA PRO A 567 -20.95 -17.31 26.55
C PRO A 567 -21.64 -17.86 25.31
N GLN A 568 -22.94 -17.58 25.11
CA GLN A 568 -23.61 -18.01 23.89
C GLN A 568 -23.00 -17.34 22.67
N ALA A 569 -22.47 -16.14 22.82
CA ALA A 569 -21.74 -15.46 21.76
C ALA A 569 -20.24 -15.73 21.83
N ARG A 570 -19.75 -16.31 22.93
CA ARG A 570 -18.34 -16.65 23.07
C ARG A 570 -18.05 -18.12 22.77
N ALA A 571 -19.07 -18.99 22.86
CA ALA A 571 -18.91 -20.35 22.36
C ALA A 571 -19.09 -20.41 20.86
N LEU A 572 -19.88 -19.50 20.29
CA LEU A 572 -19.99 -19.41 18.84
C LEU A 572 -18.77 -18.74 18.22
N ALA A 573 -18.09 -17.88 18.98
CA ALA A 573 -16.92 -17.17 18.46
C ALA A 573 -15.82 -18.13 18.05
N SER A 574 -15.54 -19.14 18.88
CA SER A 574 -14.56 -20.15 18.51
C SER A 574 -15.00 -20.92 17.28
N GLN A 575 -16.32 -21.01 17.05
CA GLN A 575 -16.81 -21.63 15.82
C GLN A 575 -16.47 -20.79 14.60
N LEU A 576 -16.35 -19.46 14.77
CA LEU A 576 -15.95 -18.57 13.70
C LEU A 576 -14.45 -18.30 13.69
N GLN A 577 -13.77 -18.47 14.83
CA GLN A 577 -12.35 -18.17 14.90
C GLN A 577 -11.53 -19.19 14.10
N ASP A 578 -11.91 -20.47 14.16
CA ASP A 578 -11.20 -21.50 13.43
C ASP A 578 -11.67 -21.65 11.99
N SER A 579 -12.94 -21.30 11.72
CA SER A 579 -13.40 -21.24 10.33
C SER A 579 -12.56 -20.28 9.51
N LEU A 580 -12.21 -19.14 10.10
CA LEU A 580 -11.28 -18.21 9.45
C LEU A 580 -9.97 -18.91 9.11
N LYS A 581 -9.46 -19.75 10.01
CA LYS A 581 -8.24 -20.50 9.73
C LYS A 581 -8.45 -21.46 8.56
N ASP A 582 -9.64 -22.07 8.49
CA ASP A 582 -9.93 -22.95 7.36
C ASP A 582 -9.90 -22.17 6.04
N LEU A 583 -10.56 -21.01 6.00
CA LEU A 583 -10.55 -20.21 4.78
C LEU A 583 -9.15 -19.71 4.44
N LYS A 584 -8.32 -19.45 5.44
CA LYS A 584 -6.95 -19.06 5.17
C LYS A 584 -6.16 -20.21 4.56
N ALA A 585 -6.30 -21.41 5.13
CA ALA A 585 -5.58 -22.58 4.63
C ALA A 585 -5.99 -22.92 3.21
N ARG A 586 -7.28 -23.18 2.99
CA ARG A 586 -7.75 -23.56 1.66
C ARG A 586 -7.67 -22.41 0.68
N MET A 587 -7.70 -21.16 1.15
CA MET A 587 -7.53 -20.03 0.24
C MET A 587 -6.09 -19.91 -0.24
N GLN A 588 -5.13 -20.10 0.66
CA GLN A 588 -3.74 -20.14 0.22
C GLN A 588 -3.46 -21.36 -0.65
N GLU A 589 -4.17 -22.47 -0.40
CA GLU A 589 -3.99 -23.67 -1.22
C GLU A 589 -4.51 -23.44 -2.63
N ALA A 590 -5.78 -23.05 -2.76
CA ALA A 590 -6.36 -22.77 -4.06
C ALA A 590 -5.62 -21.66 -4.78
N MET A 591 -5.14 -20.66 -4.04
CA MET A 591 -4.34 -19.60 -4.66
C MET A 591 -3.03 -20.16 -5.19
N THR A 592 -2.40 -21.06 -4.45
CA THR A 592 -1.15 -21.67 -4.91
C THR A 592 -1.39 -22.49 -6.17
N GLN A 593 -2.43 -23.32 -6.16
CA GLN A 593 -2.77 -24.12 -7.34
C GLN A 593 -3.05 -23.22 -8.54
N GLU A 594 -3.78 -22.12 -8.32
CA GLU A 594 -4.11 -21.23 -9.43
C GLU A 594 -2.88 -20.53 -9.97
N VAL A 595 -1.96 -20.12 -9.09
CA VAL A 595 -0.75 -19.45 -9.54
C VAL A 595 0.14 -20.42 -10.31
N SER A 596 0.26 -21.66 -9.84
CA SER A 596 1.08 -22.65 -10.51
C SER A 596 0.59 -22.96 -11.92
N ASP A 597 -0.69 -22.69 -12.21
CA ASP A 597 -1.24 -22.94 -13.53
C ASP A 597 -1.20 -21.71 -14.42
N VAL A 598 -1.70 -20.57 -13.91
CA VAL A 598 -1.81 -19.37 -14.73
C VAL A 598 -0.44 -18.80 -15.06
N PHE A 599 0.48 -18.81 -14.09
CA PHE A 599 1.81 -18.24 -14.28
C PHE A 599 2.82 -19.25 -14.80
N SER A 600 2.36 -20.39 -15.31
CA SER A 600 3.29 -21.36 -15.90
C SER A 600 3.92 -20.81 -17.17
N ASP A 601 3.14 -20.13 -18.00
CA ASP A 601 3.63 -19.55 -19.25
C ASP A 601 3.08 -18.14 -19.34
N THR A 602 3.98 -17.15 -19.31
CA THR A 602 3.58 -15.74 -19.32
C THR A 602 3.91 -15.01 -20.62
N THR A 603 4.66 -15.64 -21.53
CA THR A 603 5.20 -14.95 -22.68
C THR A 603 4.77 -15.48 -24.03
N THR A 604 4.24 -16.69 -24.11
CA THR A 604 3.87 -17.24 -25.41
C THR A 604 2.77 -16.46 -26.13
N PRO A 605 1.75 -15.92 -25.47
CA PRO A 605 0.77 -15.10 -26.22
C PRO A 605 1.38 -13.86 -26.87
N ILE A 606 2.17 -13.09 -26.13
CA ILE A 606 2.79 -11.91 -26.71
C ILE A 606 3.90 -12.28 -27.70
N LYS A 607 4.47 -13.48 -27.57
CA LYS A 607 5.41 -13.96 -28.58
C LYS A 607 4.69 -14.24 -29.89
N LEU A 608 3.57 -14.95 -29.82
CA LEU A 608 2.78 -15.20 -31.03
C LEU A 608 2.27 -13.89 -31.63
N LEU A 609 1.89 -12.93 -30.78
CA LEU A 609 1.54 -11.61 -31.29
C LEU A 609 2.74 -10.93 -31.95
N ALA A 610 3.94 -11.20 -31.45
CA ALA A 610 5.14 -10.61 -32.04
C ALA A 610 5.45 -11.22 -33.40
N VAL A 611 5.19 -12.52 -33.57
CA VAL A 611 5.42 -13.13 -34.88
C VAL A 611 4.22 -12.95 -35.80
N ALA A 612 3.04 -12.66 -35.26
CA ALA A 612 1.89 -12.31 -36.08
C ALA A 612 1.97 -10.89 -36.63
N ALA A 613 2.85 -10.06 -36.08
CA ALA A 613 3.06 -8.71 -36.57
C ALA A 613 4.10 -8.67 -37.69
N THR A 614 5.21 -9.40 -37.53
CA THR A 614 6.24 -9.49 -38.56
C THR A 614 5.92 -10.53 -39.62
N ALA A 615 4.65 -10.88 -39.80
CA ALA A 615 4.27 -11.80 -40.85
C ALA A 615 4.56 -11.18 -42.21
N PRO A 616 4.84 -12.01 -43.22
CA PRO A 616 5.11 -11.46 -44.55
C PRO A 616 3.89 -10.78 -45.11
N PRO A 617 4.08 -9.81 -46.01
CA PRO A 617 2.91 -9.12 -46.60
C PRO A 617 1.99 -10.04 -47.37
N ASP A 618 2.53 -11.08 -48.01
CA ASP A 618 1.73 -12.03 -48.78
C ASP A 618 1.18 -13.16 -47.92
N ALA A 619 1.32 -13.08 -46.60
CA ALA A 619 0.80 -14.11 -45.73
C ALA A 619 -0.73 -14.10 -45.74
N PRO A 620 -1.37 -15.25 -45.54
CA PRO A 620 -2.83 -15.29 -45.52
C PRO A 620 -3.39 -15.09 -44.12
N ASN A 621 -4.57 -14.48 -44.09
CA ASN A 621 -5.31 -14.25 -42.83
C ASN A 621 -4.48 -13.43 -41.85
N ARG A 622 -3.84 -12.37 -42.35
CA ARG A 622 -2.92 -11.60 -41.52
C ARG A 622 -3.65 -10.95 -40.34
N GLU A 623 -4.75 -10.25 -40.62
CA GLU A 623 -5.54 -9.69 -39.52
C GLU A 623 -6.45 -10.73 -38.89
N GLU A 624 -6.83 -11.76 -39.64
CA GLU A 624 -7.63 -12.84 -39.07
C GLU A 624 -6.87 -13.55 -37.96
N VAL A 625 -5.56 -13.71 -38.11
CA VAL A 625 -4.76 -14.26 -37.02
C VAL A 625 -4.25 -13.19 -36.08
N PHE A 626 -4.04 -11.96 -36.57
CA PHE A 626 -3.48 -10.91 -35.73
C PHE A 626 -4.46 -10.48 -34.66
N ASP A 627 -5.69 -10.14 -35.06
CA ASP A 627 -6.70 -9.75 -34.08
C ASP A 627 -6.95 -10.86 -33.08
N GLU A 628 -6.77 -12.11 -33.49
CA GLU A 628 -6.93 -13.24 -32.57
C GLU A 628 -5.76 -13.31 -31.58
N ARG A 629 -4.54 -13.04 -32.06
CA ARG A 629 -3.39 -13.02 -31.16
C ARG A 629 -3.50 -11.88 -30.16
N ALA A 630 -4.03 -10.73 -30.59
CA ALA A 630 -4.25 -9.62 -29.67
C ALA A 630 -5.38 -9.93 -28.70
N ALA A 631 -6.39 -10.69 -29.14
CA ALA A 631 -7.46 -11.09 -28.24
C ALA A 631 -6.93 -12.04 -27.15
N ASN A 632 -6.22 -13.08 -27.56
CA ASN A 632 -5.64 -14.02 -26.60
C ASN A 632 -4.57 -13.35 -25.74
N PHE A 633 -3.93 -12.30 -26.26
CA PHE A 633 -2.92 -11.58 -25.48
C PHE A 633 -3.56 -10.70 -24.42
N GLU A 634 -4.65 -10.00 -24.77
CA GLU A 634 -5.37 -9.22 -23.77
C GLU A 634 -6.02 -10.12 -22.73
N ASN A 635 -6.59 -11.25 -23.16
CA ASN A 635 -7.18 -12.19 -22.22
C ASN A 635 -6.12 -12.78 -21.29
N HIS A 636 -4.97 -13.16 -21.84
CA HIS A 636 -3.90 -13.72 -21.01
C HIS A 636 -3.37 -12.68 -20.04
N SER A 637 -3.20 -11.45 -20.49
CA SER A 637 -2.70 -10.39 -19.62
C SER A 637 -3.68 -10.12 -18.47
N GLY A 638 -4.98 -10.04 -18.79
CA GLY A 638 -5.97 -9.83 -17.75
C GLY A 638 -6.03 -10.99 -16.77
N LYS A 639 -5.92 -12.22 -17.28
CA LYS A 639 -5.95 -13.39 -16.41
C LYS A 639 -4.76 -13.38 -15.45
N LEU A 640 -3.56 -13.12 -15.97
CA LEU A 640 -2.39 -12.97 -15.11
C LEU A 640 -2.60 -11.89 -14.08
N GLY A 641 -3.19 -10.76 -14.48
CA GLY A 641 -3.41 -9.67 -13.54
C GLY A 641 -4.34 -10.06 -12.41
N ALA A 642 -5.45 -10.71 -12.75
CA ALA A 642 -6.40 -11.14 -11.71
C ALA A 642 -5.76 -12.14 -10.76
N THR A 643 -5.06 -13.14 -11.33
CA THR A 643 -4.40 -14.13 -10.48
C THR A 643 -3.38 -13.47 -9.54
N ALA A 644 -2.64 -12.48 -10.05
CA ALA A 644 -1.70 -11.75 -9.22
C ALA A 644 -2.41 -10.95 -8.13
N GLU A 645 -3.61 -10.42 -8.43
CA GLU A 645 -4.37 -9.73 -7.39
C GLU A 645 -4.77 -10.68 -6.27
N LYS A 646 -5.26 -11.87 -6.64
CA LYS A 646 -5.57 -12.87 -5.63
C LYS A 646 -4.34 -13.25 -4.83
N ALA A 647 -3.19 -13.38 -5.50
CA ALA A 647 -1.96 -13.74 -4.80
C ALA A 647 -1.57 -12.65 -3.79
N ALA A 648 -1.69 -11.39 -4.19
CA ALA A 648 -1.37 -10.30 -3.27
C ALA A 648 -2.33 -10.25 -2.09
N ALA A 649 -3.60 -10.58 -2.33
CA ALA A 649 -4.59 -10.48 -1.28
C ALA A 649 -4.47 -11.62 -0.25
N VAL A 650 -4.24 -12.84 -0.73
CA VAL A 650 -4.32 -14.01 0.15
C VAL A 650 -2.94 -14.49 0.57
N GLY A 651 -1.92 -14.20 -0.25
CA GLY A 651 -0.61 -14.75 0.00
C GLY A 651 0.05 -14.24 1.26
N THR A 652 1.06 -14.99 1.71
CA THR A 652 1.87 -14.61 2.87
C THR A 652 3.02 -13.75 2.38
N ALA A 653 2.84 -12.44 2.49
CA ALA A 653 3.87 -11.49 2.07
C ALA A 653 3.58 -10.15 2.73
N ASN A 654 4.65 -9.43 3.06
CA ASN A 654 4.49 -8.15 3.72
C ASN A 654 3.81 -7.15 2.79
N LYS A 655 3.34 -6.06 3.40
CA LYS A 655 2.56 -5.07 2.66
C LYS A 655 3.37 -4.42 1.55
N SER A 656 4.69 -4.37 1.70
CA SER A 656 5.55 -3.81 0.66
C SER A 656 5.37 -4.55 -0.65
N THR A 657 5.48 -5.87 -0.62
CA THR A 657 5.31 -6.67 -1.83
C THR A 657 3.86 -6.73 -2.29
N VAL A 658 2.90 -6.46 -1.41
CA VAL A 658 1.50 -6.37 -1.84
C VAL A 658 1.31 -5.11 -2.68
N GLU A 659 1.80 -3.97 -2.18
CA GLU A 659 1.77 -2.74 -2.97
C GLU A 659 2.57 -2.90 -4.26
N GLY A 660 3.66 -3.68 -4.22
CA GLY A 660 4.43 -3.90 -5.43
C GLY A 660 3.69 -4.74 -6.46
N ILE A 661 3.04 -5.81 -6.02
CA ILE A 661 2.24 -6.63 -6.92
C ILE A 661 1.11 -5.82 -7.53
N GLN A 662 0.37 -5.10 -6.69
CA GLN A 662 -0.70 -4.26 -7.21
C GLN A 662 -0.18 -3.19 -8.16
N ALA A 663 1.03 -2.68 -7.91
CA ALA A 663 1.62 -1.69 -8.81
C ALA A 663 1.96 -2.30 -10.16
N SER A 664 2.55 -3.51 -10.17
CA SER A 664 2.87 -4.15 -11.44
C SER A 664 1.62 -4.55 -12.20
N VAL A 665 0.58 -4.99 -11.49
CA VAL A 665 -0.69 -5.29 -12.15
C VAL A 665 -1.27 -4.03 -12.77
N LYS A 666 -1.21 -2.91 -12.04
CA LYS A 666 -1.61 -1.62 -12.59
C LYS A 666 -0.83 -1.32 -13.87
N THR A 667 0.49 -1.52 -13.84
CA THR A 667 1.32 -1.16 -14.97
C THR A 667 1.02 -2.01 -16.20
N ALA A 668 0.90 -3.33 -16.01
CA ALA A 668 0.60 -4.21 -17.14
C ALA A 668 -0.80 -3.93 -17.69
N ARG A 669 -1.77 -3.73 -16.80
CA ARG A 669 -3.12 -3.36 -17.24
C ARG A 669 -3.09 -2.08 -18.06
N GLU A 670 -2.20 -1.14 -17.71
CA GLU A 670 -2.05 0.07 -18.50
C GLU A 670 -1.32 -0.20 -19.82
N LEU A 671 -0.46 -1.21 -19.85
CA LEU A 671 0.47 -1.39 -20.97
C LEU A 671 -0.08 -2.28 -22.08
N THR A 672 -1.04 -3.17 -21.78
CA THR A 672 -1.54 -4.07 -22.81
C THR A 672 -2.09 -3.35 -24.04
N PRO A 673 -3.01 -2.37 -23.93
CA PRO A 673 -3.56 -1.77 -25.15
C PRO A 673 -2.52 -1.06 -26.02
N GLN A 674 -1.53 -0.43 -25.40
CA GLN A 674 -0.50 0.26 -26.18
C GLN A 674 0.46 -0.72 -26.84
N VAL A 675 0.65 -1.90 -26.23
CA VAL A 675 1.42 -2.96 -26.89
C VAL A 675 0.64 -3.48 -28.09
N VAL A 676 -0.67 -3.64 -27.95
CA VAL A 676 -1.49 -4.06 -29.10
C VAL A 676 -1.42 -3.01 -30.21
N SER A 677 -1.47 -1.73 -29.85
CA SER A 677 -1.41 -0.68 -30.86
C SER A 677 -0.04 -0.62 -31.53
N ALA A 678 1.03 -0.87 -30.77
CA ALA A 678 2.35 -0.96 -31.38
C ALA A 678 2.42 -2.14 -32.34
N ALA A 679 1.81 -3.27 -31.98
CA ALA A 679 1.70 -4.38 -32.90
C ALA A 679 0.92 -3.99 -34.14
N ARG A 680 -0.04 -3.07 -34.01
CA ARG A 680 -0.82 -2.63 -35.16
C ARG A 680 -0.10 -1.58 -36.00
N ILE A 681 0.90 -0.90 -35.45
CA ILE A 681 1.70 0.01 -36.28
C ILE A 681 2.91 -0.70 -36.88
N LEU A 682 3.29 -1.87 -36.35
CA LEU A 682 4.26 -2.70 -37.05
C LEU A 682 3.59 -3.52 -38.15
N LEU A 683 2.49 -4.20 -37.81
CA LEU A 683 1.73 -4.95 -38.80
C LEU A 683 1.23 -4.06 -39.93
N ARG A 684 1.03 -2.77 -39.65
CA ARG A 684 0.55 -1.86 -40.69
C ARG A 684 1.65 -1.53 -41.69
N ASN A 685 2.87 -1.30 -41.20
CA ASN A 685 3.99 -0.87 -42.04
C ASN A 685 5.05 -1.96 -42.07
N PRO A 686 5.01 -2.88 -43.05
CA PRO A 686 6.05 -3.89 -43.14
C PRO A 686 7.37 -3.28 -43.55
N GLY A 687 8.45 -3.88 -43.04
CA GLY A 687 9.79 -3.44 -43.37
C GLY A 687 10.21 -2.11 -42.78
N ASN A 688 9.32 -1.42 -42.07
CA ASN A 688 9.66 -0.15 -41.46
C ASN A 688 10.46 -0.40 -40.17
N GLN A 689 11.63 0.22 -40.08
CA GLN A 689 12.51 -0.01 -38.94
C GLN A 689 11.96 0.68 -37.69
N ALA A 690 11.43 1.90 -37.83
CA ALA A 690 10.96 2.66 -36.68
C ALA A 690 9.83 1.93 -35.95
N ALA A 691 8.86 1.42 -36.71
CA ALA A 691 7.76 0.66 -36.10
C ALA A 691 8.29 -0.57 -35.37
N TYR A 692 9.33 -1.21 -35.93
CA TYR A 692 9.90 -2.38 -35.28
C TYR A 692 10.57 -2.00 -33.96
N GLU A 693 11.37 -0.93 -33.96
CA GLU A 693 12.01 -0.48 -32.73
C GLU A 693 10.99 -0.13 -31.67
N HIS A 694 9.91 0.55 -32.07
CA HIS A 694 8.87 0.92 -31.11
C HIS A 694 8.19 -0.31 -30.52
N PHE A 695 7.74 -1.22 -31.40
CA PHE A 695 7.05 -2.42 -30.91
C PHE A 695 7.96 -3.27 -30.03
N GLU A 696 9.27 -3.29 -30.33
CA GLU A 696 10.19 -4.03 -29.48
C GLU A 696 10.36 -3.35 -28.12
N THR A 697 10.38 -2.02 -28.11
CA THR A 697 10.42 -1.28 -26.83
C THR A 697 9.19 -1.62 -25.99
N MET A 698 8.01 -1.49 -26.57
CA MET A 698 6.78 -1.76 -25.83
C MET A 698 6.71 -3.19 -25.35
N LYS A 699 6.97 -4.15 -26.25
CA LYS A 699 6.90 -5.55 -25.88
C LYS A 699 7.93 -5.89 -24.80
N ASN A 700 9.08 -5.22 -24.80
CA ASN A 700 10.05 -5.44 -23.75
C ASN A 700 9.56 -4.87 -22.42
N GLN A 701 8.89 -3.72 -22.47
CA GLN A 701 8.25 -3.18 -21.27
C GLN A 701 7.29 -4.20 -20.67
N TRP A 702 6.39 -4.75 -21.49
CA TRP A 702 5.45 -5.74 -21.00
C TRP A 702 6.16 -6.98 -20.47
N ILE A 703 7.21 -7.43 -21.17
CA ILE A 703 7.91 -8.63 -20.76
C ILE A 703 8.54 -8.45 -19.38
N ASP A 704 9.24 -7.33 -19.18
CA ASP A 704 9.89 -7.12 -17.89
C ASP A 704 8.87 -6.91 -16.77
N ASN A 705 7.79 -6.19 -17.05
CA ASN A 705 6.80 -5.95 -16.00
C ASN A 705 6.13 -7.25 -15.58
N VAL A 706 5.81 -8.12 -16.54
CA VAL A 706 5.22 -9.41 -16.20
C VAL A 706 6.26 -10.32 -15.55
N GLU A 707 7.55 -10.11 -15.84
CA GLU A 707 8.59 -10.90 -15.20
C GLU A 707 8.69 -10.56 -13.71
N LYS A 708 8.86 -9.28 -13.40
CA LYS A 708 8.89 -8.87 -12.00
C LYS A 708 7.57 -9.17 -11.31
N MET A 709 6.46 -9.15 -12.05
CA MET A 709 5.20 -9.58 -11.49
C MET A 709 5.25 -11.06 -11.11
N THR A 710 5.83 -11.89 -11.96
CA THR A 710 5.96 -13.31 -11.63
C THR A 710 6.82 -13.52 -10.40
N GLY A 711 7.91 -12.74 -10.27
CA GLY A 711 8.76 -12.87 -9.10
C GLY A 711 8.08 -12.44 -7.82
N LEU A 712 7.52 -11.22 -7.81
CA LEU A 712 6.85 -10.71 -6.62
C LEU A 712 5.69 -11.60 -6.21
N VAL A 713 4.93 -12.10 -7.19
CA VAL A 713 3.85 -13.03 -6.88
C VAL A 713 4.41 -14.34 -6.31
N ASP A 714 5.56 -14.78 -6.83
CA ASP A 714 6.18 -15.99 -6.30
C ASP A 714 6.61 -15.82 -4.85
N GLU A 715 7.01 -14.60 -4.46
CA GLU A 715 7.40 -14.37 -3.07
C GLU A 715 6.25 -14.58 -2.11
N ALA A 716 5.02 -14.28 -2.54
CA ALA A 716 3.84 -14.31 -1.69
C ALA A 716 3.27 -15.71 -1.48
N ILE A 717 4.04 -16.76 -1.71
CA ILE A 717 3.54 -18.13 -1.63
C ILE A 717 4.52 -18.97 -0.82
N ASP A 718 3.97 -19.82 0.05
CA ASP A 718 4.77 -20.86 0.70
C ASP A 718 5.42 -21.72 -0.37
N THR A 719 6.74 -21.68 -0.47
CA THR A 719 7.41 -22.27 -1.62
C THR A 719 7.29 -23.79 -1.65
N LYS A 720 7.22 -24.44 -0.49
CA LYS A 720 7.05 -25.89 -0.49
C LYS A 720 5.66 -26.27 -0.99
N SER A 721 4.63 -25.50 -0.62
CA SER A 721 3.31 -25.71 -1.20
C SER A 721 3.35 -25.53 -2.71
N LEU A 722 4.15 -24.58 -3.18
CA LEU A 722 4.31 -24.39 -4.62
C LEU A 722 4.98 -25.60 -5.26
N LEU A 723 5.97 -26.18 -4.58
CA LEU A 723 6.61 -27.39 -5.11
C LEU A 723 5.65 -28.56 -5.14
N ASP A 724 4.74 -28.65 -4.16
CA ASP A 724 3.68 -29.65 -4.24
C ASP A 724 2.77 -29.38 -5.43
N ALA A 725 2.49 -28.11 -5.72
CA ALA A 725 1.62 -27.77 -6.83
C ALA A 725 2.24 -28.14 -8.17
N SER A 726 3.48 -27.70 -8.40
CA SER A 726 4.14 -28.00 -9.66
C SER A 726 4.45 -29.49 -9.79
N GLU A 727 4.72 -30.17 -8.68
CA GLU A 727 4.90 -31.61 -8.73
C GLU A 727 3.60 -32.29 -9.13
N GLU A 728 2.47 -31.83 -8.60
CA GLU A 728 1.17 -32.31 -9.05
C GLU A 728 0.98 -32.04 -10.54
N ALA A 729 1.42 -30.88 -11.02
CA ALA A 729 1.26 -30.55 -12.42
C ALA A 729 2.14 -31.42 -13.31
N ILE A 730 3.28 -31.87 -12.80
CA ILE A 730 4.13 -32.79 -13.55
C ILE A 730 3.49 -34.18 -13.57
N LYS A 731 2.88 -34.58 -12.45
CA LYS A 731 2.14 -35.85 -12.44
C LYS A 731 1.00 -35.82 -13.45
N LYS A 732 0.24 -34.73 -13.49
CA LYS A 732 -0.89 -34.65 -14.41
C LYS A 732 -0.42 -34.53 -15.85
N ASP A 733 0.67 -33.80 -16.09
CA ASP A 733 1.18 -33.63 -17.44
C ASP A 733 1.61 -34.96 -18.04
N LEU A 734 2.20 -35.84 -17.22
CA LEU A 734 2.63 -37.15 -17.73
C LEU A 734 1.46 -38.04 -18.09
N ASP A 735 0.33 -37.89 -17.39
CA ASP A 735 -0.85 -38.67 -17.75
C ASP A 735 -1.39 -38.25 -19.12
N LYS A 736 -1.41 -36.95 -19.39
CA LYS A 736 -1.78 -36.48 -20.71
C LYS A 736 -0.78 -36.92 -21.77
N CYS A 737 0.44 -37.28 -21.37
CA CYS A 737 1.43 -37.82 -22.31
C CYS A 737 1.15 -39.28 -22.62
N LYS A 738 0.88 -40.09 -21.59
CA LYS A 738 0.49 -41.48 -21.82
C LYS A 738 -0.77 -41.55 -22.67
N VAL A 739 -1.75 -40.70 -22.37
CA VAL A 739 -2.96 -40.65 -23.18
C VAL A 739 -2.64 -40.19 -24.60
N ALA A 740 -1.79 -39.17 -24.73
CA ALA A 740 -1.41 -38.67 -26.04
C ALA A 740 -0.75 -39.76 -26.88
N MET A 741 -0.01 -40.68 -26.24
CA MET A 741 0.54 -41.81 -26.97
C MET A 741 -0.55 -42.83 -27.29
N ALA A 742 -1.49 -43.04 -26.36
CA ALA A 742 -2.51 -44.06 -26.56
C ALA A 742 -3.42 -43.73 -27.74
N ASN A 743 -3.63 -42.45 -28.02
CA ASN A 743 -4.49 -42.03 -29.12
C ASN A 743 -3.71 -41.39 -30.26
N ILE A 744 -2.40 -41.62 -30.32
CA ILE A 744 -1.54 -41.16 -31.41
C ILE A 744 -1.64 -39.65 -31.58
N GLN A 745 -1.03 -38.90 -30.67
CA GLN A 745 -1.07 -37.44 -30.68
C GLN A 745 0.33 -36.91 -30.40
N PRO A 746 1.21 -36.90 -31.41
CA PRO A 746 2.59 -36.45 -31.15
C PRO A 746 2.69 -34.97 -30.80
N GLN A 747 1.86 -34.12 -31.43
CA GLN A 747 1.87 -32.69 -31.09
C GLN A 747 1.47 -32.47 -29.64
N MET A 748 0.46 -33.21 -29.18
CA MET A 748 0.07 -33.12 -27.78
C MET A 748 1.16 -33.65 -26.86
N LEU A 749 1.89 -34.68 -27.31
CA LEU A 749 2.97 -35.22 -26.50
C LEU A 749 4.11 -34.22 -26.34
N VAL A 750 4.55 -33.61 -27.44
CA VAL A 750 5.63 -32.64 -27.34
C VAL A 750 5.16 -31.39 -26.60
N ALA A 751 3.87 -31.07 -26.69
CA ALA A 751 3.33 -29.96 -25.91
C ALA A 751 3.43 -30.26 -24.42
N GLY A 752 3.01 -31.46 -24.02
CA GLY A 752 3.11 -31.82 -22.61
C GLY A 752 4.54 -31.90 -22.11
N ALA A 753 5.45 -32.40 -22.96
CA ALA A 753 6.86 -32.48 -22.56
C ALA A 753 7.46 -31.10 -22.41
N THR A 754 7.16 -30.19 -23.33
CA THR A 754 7.64 -28.82 -23.20
C THR A 754 7.03 -28.12 -22.00
N SER A 755 5.78 -28.46 -21.65
CA SER A 755 5.21 -27.95 -20.40
C SER A 755 5.98 -28.46 -19.20
N ILE A 756 6.35 -29.74 -19.21
CA ILE A 756 7.08 -30.33 -18.09
C ILE A 756 8.44 -29.66 -17.94
N ALA A 757 9.19 -29.53 -19.05
CA ALA A 757 10.48 -28.87 -18.99
C ALA A 757 10.33 -27.42 -18.56
N ARG A 758 9.24 -26.77 -18.97
CA ARG A 758 8.96 -25.41 -18.52
C ARG A 758 8.84 -25.35 -17.00
N ARG A 759 8.05 -26.26 -16.43
CA ARG A 759 7.87 -26.28 -14.98
C ARG A 759 9.19 -26.61 -14.27
N ALA A 760 9.99 -27.52 -14.83
CA ALA A 760 11.27 -27.86 -14.22
C ALA A 760 12.20 -26.65 -14.21
N ASN A 761 12.24 -25.88 -15.30
CA ASN A 761 13.04 -24.67 -15.32
C ASN A 761 12.53 -23.66 -14.31
N ARG A 762 11.20 -23.56 -14.15
CA ARG A 762 10.64 -22.67 -13.14
C ARG A 762 11.09 -23.06 -11.74
N ILE A 763 11.07 -24.38 -11.44
CA ILE A 763 11.57 -24.85 -10.15
C ILE A 763 13.05 -24.55 -10.01
N LEU A 764 13.80 -24.58 -11.11
CA LEU A 764 15.20 -24.16 -11.06
C LEU A 764 15.31 -22.69 -10.68
N LEU A 765 14.37 -21.86 -11.15
CA LEU A 765 14.39 -20.45 -10.77
C LEU A 765 14.10 -20.27 -9.29
N VAL A 766 13.04 -20.90 -8.78
CA VAL A 766 12.73 -20.74 -7.36
C VAL A 766 13.80 -21.39 -6.48
N ALA A 767 14.58 -22.33 -7.03
CA ALA A 767 15.66 -22.93 -6.26
C ALA A 767 16.90 -22.03 -6.23
N LYS A 768 17.22 -21.42 -7.37
CA LYS A 768 18.29 -20.42 -7.39
C LYS A 768 17.93 -19.21 -6.54
N ARG A 769 16.64 -18.94 -6.36
CA ARG A 769 16.22 -17.83 -5.51
C ARG A 769 16.55 -18.10 -4.04
N GLU A 770 16.35 -19.34 -3.59
CA GLU A 770 16.68 -19.68 -2.21
C GLU A 770 18.18 -19.67 -1.94
N VAL A 771 19.00 -19.72 -2.99
CA VAL A 771 20.45 -19.62 -2.83
C VAL A 771 20.86 -18.18 -2.55
N GLU A 772 20.34 -17.23 -3.33
CA GLU A 772 20.64 -15.83 -3.13
C GLU A 772 19.95 -15.24 -1.91
N ASN A 773 19.22 -16.05 -1.15
CA ASN A 773 18.52 -15.58 0.04
C ASN A 773 19.13 -16.09 1.34
N SER A 774 19.78 -17.25 1.31
CA SER A 774 20.38 -17.84 2.51
C SER A 774 21.85 -17.47 2.60
N GLU A 775 22.33 -17.28 3.83
CA GLU A 775 23.72 -16.93 4.09
C GLU A 775 24.53 -18.11 4.62
N ASP A 776 24.14 -19.34 4.28
CA ASP A 776 24.83 -20.51 4.79
C ASP A 776 24.81 -21.65 3.79
N PRO A 777 25.92 -22.35 3.58
CA PRO A 777 25.92 -23.55 2.73
C PRO A 777 25.19 -24.74 3.35
N LYS A 778 24.60 -24.60 4.54
CA LYS A 778 23.64 -25.59 5.01
C LYS A 778 22.52 -25.75 4.00
N PHE A 779 22.11 -24.64 3.37
CA PHE A 779 21.08 -24.62 2.35
C PHE A 779 21.64 -24.68 0.93
N ARG A 780 22.90 -24.28 0.74
CA ARG A 780 23.46 -24.12 -0.60
C ARG A 780 24.04 -25.41 -1.19
N GLU A 781 24.16 -26.47 -0.40
CA GLU A 781 24.42 -27.79 -0.96
C GLU A 781 23.18 -28.66 -0.98
N ALA A 782 22.24 -28.42 -0.06
CA ALA A 782 20.97 -29.13 -0.10
C ALA A 782 20.14 -28.69 -1.30
N VAL A 783 20.00 -27.37 -1.49
CA VAL A 783 19.18 -26.86 -2.58
C VAL A 783 19.89 -27.02 -3.92
N LYS A 784 21.17 -26.64 -3.98
CA LYS A 784 21.90 -26.71 -5.24
C LYS A 784 22.20 -28.16 -5.62
N ALA A 785 22.48 -29.01 -4.63
CA ALA A 785 22.75 -30.42 -4.92
C ALA A 785 21.52 -31.13 -5.50
N ALA A 786 20.33 -30.56 -5.34
CA ALA A 786 19.12 -31.11 -5.92
C ALA A 786 18.70 -30.40 -7.21
N SER A 787 18.82 -29.07 -7.24
CA SER A 787 18.45 -28.32 -8.44
C SER A 787 19.40 -28.61 -9.59
N ASP A 788 20.68 -28.87 -9.30
CA ASP A 788 21.61 -29.20 -10.36
C ASP A 788 21.23 -30.52 -11.03
N GLU A 789 20.83 -31.53 -10.24
CA GLU A 789 20.39 -32.79 -10.82
C GLU A 789 19.05 -32.64 -11.52
N LEU A 790 18.15 -31.80 -10.98
CA LEU A 790 16.93 -31.47 -11.71
C LEU A 790 17.25 -30.88 -13.08
N SER A 791 18.30 -30.06 -13.15
CA SER A 791 18.76 -29.55 -14.45
C SER A 791 19.37 -30.67 -15.29
N LYS A 792 19.96 -31.69 -14.65
CA LYS A 792 20.47 -32.83 -15.40
C LYS A 792 19.35 -33.59 -16.08
N THR A 793 18.21 -33.74 -15.40
CA THR A 793 17.12 -34.57 -15.93
C THR A 793 16.33 -33.90 -17.04
N ILE A 794 16.56 -32.62 -17.34
CA ILE A 794 15.69 -31.86 -18.23
C ILE A 794 15.85 -32.33 -19.68
N SER A 795 17.02 -32.09 -20.26
CA SER A 795 17.22 -32.35 -21.69
C SER A 795 16.97 -33.80 -22.11
N PRO A 796 17.38 -34.83 -21.35
CA PRO A 796 17.05 -36.21 -21.75
C PRO A 796 15.56 -36.43 -21.97
N MET A 797 14.72 -35.84 -21.12
CA MET A 797 13.27 -35.95 -21.32
C MET A 797 12.85 -35.27 -22.63
N VAL A 798 13.50 -34.17 -22.97
CA VAL A 798 13.15 -33.44 -24.19
C VAL A 798 13.49 -34.26 -25.42
N MET A 799 14.74 -34.74 -25.50
CA MET A 799 15.15 -35.50 -26.67
C MET A 799 14.44 -36.85 -26.77
N ASP A 800 14.15 -37.47 -25.62
CA ASP A 800 13.36 -38.70 -25.64
C ASP A 800 11.93 -38.42 -26.12
N ALA A 801 11.38 -37.27 -25.72
CA ALA A 801 10.05 -36.89 -26.20
C ALA A 801 10.05 -36.71 -27.71
N LYS A 802 11.04 -35.99 -28.23
CA LYS A 802 11.18 -35.88 -29.68
C LYS A 802 11.36 -37.24 -30.33
N ALA A 803 12.00 -38.18 -29.63
CA ALA A 803 12.17 -39.52 -30.17
C ALA A 803 10.83 -40.23 -30.32
N VAL A 804 10.02 -40.23 -29.26
CA VAL A 804 8.72 -40.90 -29.33
C VAL A 804 7.75 -40.18 -30.25
N ALA A 805 7.94 -38.87 -30.45
CA ALA A 805 7.02 -38.14 -31.32
C ALA A 805 7.07 -38.63 -32.76
N GLY A 806 8.09 -39.41 -33.14
CA GLY A 806 8.20 -39.92 -34.49
C GLY A 806 7.76 -41.37 -34.62
N ASN A 807 7.78 -42.10 -33.48
CA ASN A 807 7.33 -43.49 -33.42
C ASN A 807 6.51 -43.62 -32.14
N ILE A 808 5.30 -43.06 -32.18
CA ILE A 808 4.50 -42.85 -30.97
C ILE A 808 4.06 -44.16 -30.32
N SER A 809 4.09 -45.28 -31.03
CA SER A 809 3.61 -46.54 -30.50
C SER A 809 4.74 -47.52 -30.19
N ASP A 810 5.98 -47.09 -30.23
CA ASP A 810 7.11 -47.98 -29.91
C ASP A 810 7.22 -48.13 -28.40
N PRO A 811 7.03 -49.33 -27.84
CA PRO A 811 7.04 -49.47 -26.38
C PRO A 811 8.36 -49.09 -25.74
N GLY A 812 9.49 -49.39 -26.39
CA GLY A 812 10.78 -49.04 -25.80
C GLY A 812 11.02 -47.54 -25.79
N LEU A 813 10.65 -46.86 -26.88
CA LEU A 813 10.80 -45.41 -26.94
C LEU A 813 9.93 -44.72 -25.89
N GLN A 814 8.63 -45.09 -25.86
CA GLN A 814 7.74 -44.60 -24.81
C GLN A 814 8.31 -44.84 -23.43
N LYS A 815 8.88 -46.03 -23.21
CA LYS A 815 9.44 -46.35 -21.90
C LYS A 815 10.60 -45.44 -21.57
N SER A 816 11.47 -45.15 -22.56
CA SER A 816 12.58 -44.23 -22.32
C SER A 816 12.08 -42.85 -21.94
N PHE A 817 11.12 -42.30 -22.70
CA PHE A 817 10.59 -40.98 -22.40
C PHE A 817 9.97 -40.93 -21.01
N LEU A 818 9.08 -41.88 -20.71
CA LEU A 818 8.43 -41.88 -19.40
C LEU A 818 9.43 -42.02 -18.27
N ASP A 819 10.46 -42.85 -18.45
CA ASP A 819 11.51 -42.96 -17.45
C ASP A 819 12.17 -41.61 -17.21
N SER A 820 12.52 -40.90 -18.27
CA SER A 820 13.10 -39.57 -18.11
C SER A 820 12.16 -38.63 -17.38
N GLY A 821 10.87 -38.71 -17.70
CA GLY A 821 9.90 -37.82 -17.06
C GLY A 821 9.79 -38.06 -15.57
N TYR A 822 9.64 -39.33 -15.17
CA TYR A 822 9.58 -39.63 -13.74
C TYR A 822 10.92 -39.40 -13.04
N ARG A 823 12.03 -39.41 -13.78
CA ARG A 823 13.28 -38.95 -13.20
C ARG A 823 13.23 -37.46 -12.90
N ILE A 824 12.62 -36.67 -13.80
CA ILE A 824 12.37 -35.27 -13.49
C ILE A 824 11.48 -35.15 -12.26
N LEU A 825 10.46 -36.00 -12.18
CA LEU A 825 9.55 -35.96 -11.03
C LEU A 825 10.29 -36.20 -9.73
N GLY A 826 11.10 -37.26 -9.67
CA GLY A 826 11.90 -37.52 -8.48
C GLY A 826 12.90 -36.43 -8.19
N ALA A 827 13.42 -35.78 -9.22
CA ALA A 827 14.35 -34.66 -9.03
C ALA A 827 13.66 -33.51 -8.33
N VAL A 828 12.49 -33.11 -8.83
CA VAL A 828 11.70 -32.06 -8.18
C VAL A 828 11.38 -32.46 -6.75
N ALA A 829 11.05 -33.73 -6.55
CA ALA A 829 10.78 -34.22 -5.19
C ALA A 829 11.98 -33.98 -4.28
N LYS A 830 13.18 -34.34 -4.74
CA LYS A 830 14.38 -34.09 -3.93
C LYS A 830 14.57 -32.61 -3.66
N VAL A 831 14.30 -31.76 -4.66
CA VAL A 831 14.38 -30.33 -4.46
C VAL A 831 13.45 -29.91 -3.32
N ARG A 832 12.27 -30.53 -3.25
CA ARG A 832 11.34 -30.20 -2.17
C ARG A 832 11.86 -30.70 -0.82
N GLU A 833 12.37 -31.93 -0.77
CA GLU A 833 12.86 -32.47 0.49
C GLU A 833 14.05 -31.69 1.01
N ALA A 834 14.82 -31.05 0.12
CA ALA A 834 15.93 -30.24 0.57
C ALA A 834 15.48 -29.07 1.42
N PHE A 835 14.25 -28.59 1.21
CA PHE A 835 13.71 -27.48 2.00
C PHE A 835 13.38 -27.95 3.41
N GLU A 880 12.30 -12.41 38.79
CA GLU A 880 11.14 -11.85 39.49
C GLU A 880 9.85 -12.34 38.85
N LYS A 881 8.83 -11.49 38.83
CA LYS A 881 7.54 -11.86 38.28
C LYS A 881 7.06 -10.76 37.33
N ASP A 882 5.76 -10.76 37.04
CA ASP A 882 5.18 -9.96 35.97
C ASP A 882 4.22 -8.91 36.52
N GLU A 883 3.92 -7.93 35.69
CA GLU A 883 2.92 -6.90 35.98
C GLU A 883 1.66 -7.16 35.17
N GLU A 884 0.61 -6.40 35.50
CA GLU A 884 -0.64 -6.47 34.76
C GLU A 884 -1.03 -5.07 34.29
N PHE A 885 -1.91 -5.02 33.30
CA PHE A 885 -2.30 -3.74 32.72
C PHE A 885 -3.10 -2.92 33.71
N PRO A 886 -2.71 -1.67 33.99
CA PRO A 886 -3.44 -0.84 34.96
C PRO A 886 -4.67 -0.17 34.35
N GLU A 887 -5.63 -0.99 33.95
CA GLU A 887 -6.92 -0.46 33.50
C GLU A 887 -7.72 -0.01 34.72
N GLN A 888 -8.08 1.27 34.75
CA GLN A 888 -8.73 1.86 35.90
C GLN A 888 -10.12 2.35 35.53
N LYS A 889 -11.03 2.32 36.51
CA LYS A 889 -12.44 2.52 36.26
C LYS A 889 -12.77 4.00 36.02
N ALA A 890 -13.86 4.22 35.28
CA ALA A 890 -14.37 5.57 35.04
C ALA A 890 -15.80 5.68 35.55
N ASN A 895 -8.65 10.77 25.82
CA ASN A 895 -7.76 10.07 26.73
C ASN A 895 -7.68 8.59 26.38
N GLN A 896 -8.84 7.91 26.40
CA GLN A 896 -8.85 6.48 26.16
C GLN A 896 -8.38 6.08 24.76
N PRO A 897 -8.68 6.81 23.68
CA PRO A 897 -8.06 6.46 22.39
C PRO A 897 -6.54 6.37 22.45
N MET A 898 -5.90 7.11 23.35
CA MET A 898 -4.48 6.96 23.58
C MET A 898 -4.17 5.71 24.41
N MET A 899 -5.12 5.30 25.26
CA MET A 899 -4.93 4.09 26.06
C MET A 899 -5.29 2.83 25.29
N MET A 900 -6.26 2.91 24.37
CA MET A 900 -6.64 1.75 23.57
C MET A 900 -5.44 1.21 22.77
N ALA A 901 -4.56 2.10 22.33
CA ALA A 901 -3.32 1.65 21.70
C ALA A 901 -2.38 1.02 22.73
N ALA A 902 -2.27 1.64 23.90
CA ALA A 902 -1.47 1.06 24.96
C ALA A 902 -1.98 -0.32 25.37
N ARG A 903 -3.31 -0.49 25.38
CA ARG A 903 -3.88 -1.80 25.63
C ARG A 903 -3.56 -2.77 24.50
N GLN A 904 -3.73 -2.32 23.25
CA GLN A 904 -3.46 -3.19 22.11
C GLN A 904 -2.01 -3.63 22.03
N LEU A 905 -1.08 -2.87 22.62
CA LEU A 905 0.30 -3.32 22.71
C LEU A 905 0.53 -4.20 23.93
N HIS A 906 -0.04 -3.82 25.07
CA HIS A 906 0.14 -4.61 26.29
C HIS A 906 -0.46 -6.00 26.13
N ASP A 907 -1.70 -6.08 25.63
CA ASP A 907 -2.34 -7.37 25.41
C ASP A 907 -1.63 -8.18 24.33
N GLU A 908 -0.87 -7.53 23.46
CA GLU A 908 -0.11 -8.23 22.43
C GLU A 908 1.27 -8.65 22.90
N ALA A 909 1.87 -7.88 23.83
CA ALA A 909 3.18 -8.24 24.36
C ALA A 909 3.09 -9.35 25.41
N ARG A 910 2.02 -9.36 26.21
CA ARG A 910 1.86 -10.38 27.24
C ARG A 910 1.59 -11.76 26.68
N LYS A 911 1.28 -11.88 25.38
CA LYS A 911 1.01 -13.18 24.79
C LYS A 911 2.22 -14.09 24.82
N TRP A 912 3.43 -13.54 24.91
CA TRP A 912 4.66 -14.29 24.81
C TRP A 912 5.39 -14.33 26.14
N SER A 913 6.70 -14.60 26.09
CA SER A 913 7.49 -14.83 27.29
C SER A 913 7.42 -13.63 28.22
N SER A 914 7.34 -13.91 29.53
CA SER A 914 7.43 -12.85 30.53
C SER A 914 8.78 -12.13 30.37
N LYS A 915 9.85 -12.79 30.80
CA LYS A 915 11.20 -12.30 30.55
C LYS A 915 12.00 -13.44 29.92
N GLY A 916 13.32 -13.40 30.06
CA GLY A 916 14.19 -14.22 29.26
C GLY A 916 14.51 -13.64 27.91
N ASN A 917 13.77 -12.61 27.48
CA ASN A 917 14.06 -11.85 26.28
C ASN A 917 13.73 -10.40 26.54
N ASP A 918 14.69 -9.51 26.32
CA ASP A 918 14.53 -8.11 26.70
C ASP A 918 13.53 -7.36 25.84
N ILE A 919 13.11 -7.93 24.71
CA ILE A 919 12.22 -7.20 23.81
C ILE A 919 10.78 -7.22 24.34
N ILE A 920 10.34 -8.35 24.89
CA ILE A 920 9.00 -8.39 25.44
C ILE A 920 8.94 -7.67 26.77
N ALA A 921 10.02 -7.70 27.55
CA ALA A 921 10.10 -6.87 28.75
C ALA A 921 10.02 -5.39 28.38
N ALA A 922 10.79 -4.98 27.37
CA ALA A 922 10.79 -3.58 26.96
C ALA A 922 9.46 -3.16 26.34
N ALA A 923 8.80 -4.07 25.63
CA ALA A 923 7.51 -3.73 25.02
C ALA A 923 6.40 -3.66 26.05
N LYS A 924 6.37 -4.64 26.97
CA LYS A 924 5.49 -4.55 28.14
C LYS A 924 5.66 -3.22 28.84
N ARG A 925 6.92 -2.87 29.17
CA ARG A 925 7.17 -1.62 29.86
C ARG A 925 6.75 -0.41 29.03
N MET A 926 6.88 -0.49 27.70
CA MET A 926 6.48 0.62 26.85
C MET A 926 4.97 0.81 26.88
N ALA A 927 4.21 -0.29 26.78
CA ALA A 927 2.76 -0.18 26.86
C ALA A 927 2.30 0.29 28.23
N LEU A 928 3.00 -0.12 29.29
CA LEU A 928 2.67 0.37 30.63
C LEU A 928 2.91 1.87 30.74
N LEU A 929 4.12 2.32 30.37
CA LEU A 929 4.42 3.74 30.38
C LEU A 929 3.46 4.53 29.51
N MET A 930 2.94 3.92 28.45
CA MET A 930 1.92 4.59 27.64
C MET A 930 0.60 4.66 28.38
N ALA A 931 0.26 3.63 29.15
CA ALA A 931 -0.90 3.70 30.02
C ALA A 931 -0.76 4.82 31.03
N GLU A 932 0.49 5.13 31.43
CA GLU A 932 0.71 6.28 32.30
C GLU A 932 0.56 7.59 31.54
N MET A 933 1.12 7.67 30.32
CA MET A 933 1.11 8.92 29.58
C MET A 933 -0.30 9.31 29.16
N SER A 934 -1.14 8.33 28.81
CA SER A 934 -2.53 8.63 28.55
C SER A 934 -3.20 9.29 29.75
N ARG A 935 -2.86 8.81 30.96
CA ARG A 935 -3.35 9.44 32.17
C ARG A 935 -2.76 10.83 32.36
N LEU A 936 -1.53 11.05 31.87
CA LEU A 936 -0.86 12.32 32.09
C LEU A 936 -1.23 13.40 31.08
N VAL A 937 -1.82 13.03 29.93
CA VAL A 937 -2.06 14.03 28.89
C VAL A 937 -3.22 14.93 29.26
N ARG A 938 -4.27 14.38 29.85
CA ARG A 938 -5.37 15.24 30.23
C ARG A 938 -5.22 15.61 31.67
N GLY A 939 -3.99 15.65 32.16
CA GLY A 939 -3.74 15.99 33.54
C GLY A 939 -3.58 17.48 33.74
N GLY A 940 -2.51 17.90 34.38
CA GLY A 940 -2.32 19.32 34.55
C GLY A 940 -2.23 19.82 35.96
N SER A 941 -1.44 19.13 36.76
CA SER A 941 -1.21 19.48 38.14
C SER A 941 0.00 18.68 38.52
N GLY A 942 1.15 19.28 38.35
CA GLY A 942 2.41 18.61 38.62
C GLY A 942 2.70 17.47 37.68
N THR A 943 2.07 17.44 36.52
CA THR A 943 2.22 16.34 35.56
C THR A 943 3.29 16.60 34.51
N LYS A 944 3.86 17.81 34.47
CA LYS A 944 4.83 18.16 33.44
C LYS A 944 6.06 17.26 33.52
N ARG A 945 6.76 17.27 34.66
CA ARG A 945 7.96 16.47 34.80
C ARG A 945 7.68 14.99 34.67
N ALA A 946 6.51 14.54 35.15
CA ALA A 946 6.15 13.15 35.01
C ALA A 946 5.91 12.78 33.54
N LEU A 947 5.37 13.72 32.76
CA LEU A 947 5.11 13.45 31.35
C LEU A 947 6.40 13.45 30.53
N ILE A 948 7.26 14.45 30.75
CA ILE A 948 8.53 14.50 30.03
C ILE A 948 9.41 13.31 30.41
N GLN A 949 9.49 13.00 31.70
CA GLN A 949 10.22 11.81 32.15
C GLN A 949 9.59 10.55 31.55
N CYS A 950 8.27 10.53 31.42
CA CYS A 950 7.60 9.39 30.80
C CYS A 950 8.04 9.21 29.36
N ALA A 951 8.05 10.31 28.59
CA ALA A 951 8.50 10.23 27.20
C ALA A 951 9.95 9.79 27.12
N LYS A 952 10.79 10.25 28.05
CA LYS A 952 12.19 9.82 28.07
C LYS A 952 12.29 8.32 28.31
N ASP A 953 11.48 7.79 29.23
CA ASP A 953 11.47 6.35 29.48
C ASP A 953 11.03 5.59 28.23
N ILE A 954 9.96 6.05 27.58
CA ILE A 954 9.48 5.38 26.38
C ILE A 954 10.55 5.38 25.30
N ALA A 955 11.29 6.49 25.17
CA ALA A 955 12.38 6.52 24.21
C ALA A 955 13.48 5.55 24.59
N LYS A 956 13.75 5.38 25.89
CA LYS A 956 14.79 4.47 26.33
C LYS A 956 14.44 3.02 26.01
N ALA A 957 13.25 2.58 26.42
CA ALA A 957 12.81 1.23 26.08
C ALA A 957 12.74 1.03 24.57
N SER A 958 12.34 2.08 23.84
CA SER A 958 12.39 2.04 22.38
C SER A 958 13.79 1.75 21.88
N ASP A 959 14.79 2.40 22.47
CA ASP A 959 16.18 2.12 22.09
C ASP A 959 16.55 0.67 22.39
N GLU A 960 16.05 0.13 23.51
CA GLU A 960 16.27 -1.28 23.80
C GLU A 960 15.72 -2.17 22.69
N VAL A 961 14.45 -1.97 22.34
CA VAL A 961 13.81 -2.79 21.31
C VAL A 961 14.57 -2.69 20.00
N THR A 962 14.85 -1.47 19.55
CA THR A 962 15.53 -1.28 18.27
C THR A 962 16.91 -1.94 18.28
N ARG A 963 17.67 -1.74 19.36
CA ARG A 963 19.01 -2.30 19.45
C ARG A 963 18.99 -3.82 19.34
N LEU A 964 18.26 -4.48 20.26
CA LEU A 964 18.30 -5.93 20.29
C LEU A 964 17.68 -6.52 19.03
N ALA A 965 16.67 -5.86 18.45
CA ALA A 965 16.10 -6.36 17.21
C ALA A 965 17.10 -6.28 16.07
N LYS A 966 17.84 -5.17 15.98
CA LYS A 966 18.94 -5.10 15.02
C LYS A 966 19.96 -6.21 15.24
N GLU A 967 20.19 -6.60 16.50
CA GLU A 967 21.03 -7.76 16.76
C GLU A 967 20.40 -9.04 16.23
N VAL A 968 19.06 -9.15 16.32
CA VAL A 968 18.38 -10.34 15.81
C VAL A 968 18.53 -10.46 14.31
N ALA A 969 18.44 -9.32 13.60
CA ALA A 969 18.40 -9.37 12.14
C ALA A 969 19.68 -9.95 11.54
N LYS A 970 20.83 -9.78 12.20
CA LYS A 970 22.09 -10.19 11.61
C LYS A 970 22.51 -11.61 11.97
N GLN A 971 21.75 -12.29 12.82
CA GLN A 971 21.97 -13.69 13.14
C GLN A 971 20.72 -14.48 12.75
N CYS A 972 20.41 -14.46 11.46
CA CYS A 972 19.16 -15.04 10.97
C CYS A 972 19.34 -15.37 9.48
N THR A 973 18.79 -16.51 9.07
CA THR A 973 18.82 -16.90 7.67
C THR A 973 17.72 -16.19 6.91
N LYS A 974 17.73 -16.35 5.59
CA LYS A 974 16.80 -15.70 4.67
C LYS A 974 16.82 -14.19 4.86
N ALA A 975 17.59 -13.48 4.02
CA ALA A 975 17.77 -12.05 4.17
C ALA A 975 16.47 -11.26 4.11
N ALA A 976 15.41 -11.83 3.53
CA ALA A 976 14.15 -11.09 3.42
C ALA A 976 13.56 -10.81 4.79
N ILE A 977 13.57 -11.80 5.68
CA ILE A 977 13.04 -11.59 7.03
C ILE A 977 13.88 -10.56 7.77
N ALA A 978 15.20 -10.61 7.59
CA ALA A 978 16.09 -9.66 8.26
C ALA A 978 15.83 -8.24 7.80
N THR A 979 15.85 -8.01 6.49
CA THR A 979 15.64 -6.67 5.97
C THR A 979 14.23 -6.16 6.26
N ASN A 980 13.23 -7.04 6.24
CA ASN A 980 11.88 -6.63 6.61
C ASN A 980 11.83 -6.20 8.07
N LEU A 981 12.43 -6.99 8.96
CA LEU A 981 12.51 -6.62 10.36
C LEU A 981 13.18 -5.26 10.54
N LEU A 982 14.29 -5.04 9.82
CA LEU A 982 14.95 -3.74 9.88
C LEU A 982 14.02 -2.62 9.39
N GLN A 983 13.19 -2.91 8.39
CA GLN A 983 12.23 -1.92 7.91
C GLN A 983 11.23 -1.57 9.01
N VAL A 984 10.80 -2.56 9.78
CA VAL A 984 9.90 -2.27 10.89
C VAL A 984 10.64 -1.64 12.07
N CYS A 985 11.98 -1.73 12.10
CA CYS A 985 12.76 -1.20 13.20
C CYS A 985 13.18 0.24 13.00
N GLU A 986 13.38 0.68 11.76
CA GLU A 986 13.89 2.03 11.53
C GLU A 986 12.85 3.11 11.85
N ARG A 987 11.57 2.79 11.81
CA ARG A 987 10.52 3.75 12.12
C ARG A 987 10.25 3.86 13.62
N ILE A 988 11.16 3.39 14.47
CA ILE A 988 10.98 3.41 15.91
C ILE A 988 11.70 4.61 16.53
N PRO A 989 13.01 4.78 16.31
CA PRO A 989 13.69 5.91 16.99
C PRO A 989 13.17 7.26 16.57
N THR A 990 12.81 7.42 15.29
CA THR A 990 12.26 8.69 14.82
C THR A 990 10.97 9.04 15.57
N ILE A 991 10.02 8.11 15.60
CA ILE A 991 8.76 8.36 16.27
C ILE A 991 8.97 8.54 17.77
N SER A 992 9.99 7.91 18.35
CA SER A 992 10.28 8.13 19.76
C SER A 992 10.77 9.56 20.00
N THR A 993 11.68 10.04 19.15
CA THR A 993 12.18 11.41 19.29
C THR A 993 11.04 12.42 19.12
N GLN A 994 10.23 12.24 18.08
CA GLN A 994 9.07 13.11 17.89
C GLN A 994 8.13 13.04 19.09
N LEU A 995 8.03 11.87 19.71
CA LEU A 995 7.24 11.75 20.93
C LEU A 995 7.83 12.61 22.05
N LYS A 996 9.15 12.64 22.15
CA LYS A 996 9.79 13.49 23.16
C LYS A 996 9.48 14.97 22.91
N ILE A 997 9.62 15.42 21.66
CA ILE A 997 9.43 16.83 21.37
C ILE A 997 7.97 17.23 21.57
N LEU A 998 7.04 16.47 20.99
CA LEU A 998 5.61 16.73 21.20
C LEU A 998 5.28 16.71 22.69
N SER A 999 5.89 15.80 23.44
CA SER A 999 5.66 15.75 24.88
C SER A 999 6.14 17.02 25.56
N THR A 1000 7.27 17.57 25.11
CA THR A 1000 7.76 18.82 25.68
C THR A 1000 6.81 19.98 25.37
N VAL A 1001 6.28 20.02 24.15
CA VAL A 1001 5.29 21.06 23.82
C VAL A 1001 4.07 20.94 24.73
N LYS A 1002 3.48 19.75 24.77
CA LYS A 1002 2.32 19.52 25.64
C LYS A 1002 2.65 19.83 27.09
N ALA A 1003 3.93 19.72 27.48
CA ALA A 1003 4.34 20.07 28.84
C ALA A 1003 4.40 21.57 29.05
N THR A 1004 4.89 22.32 28.05
CA THR A 1004 4.87 23.77 28.13
C THR A 1004 3.44 24.30 28.13
N MET A 1005 2.47 23.51 27.65
CA MET A 1005 1.07 23.87 27.78
C MET A 1005 0.34 23.02 28.82
N LEU A 1006 1.07 22.27 29.64
CA LEU A 1006 0.43 21.32 30.56
C LEU A 1006 0.00 21.98 31.86
N GLY A 1007 0.74 22.99 32.30
CA GLY A 1007 0.21 23.80 33.37
C GLY A 1007 -1.03 24.40 32.76
N ARG A 1008 -2.22 24.07 33.29
CA ARG A 1008 -3.45 24.34 32.56
C ARG A 1008 -3.76 25.84 32.53
N THR A 1009 -2.74 26.68 32.74
CA THR A 1009 -2.87 28.09 32.43
C THR A 1009 -3.25 28.23 30.96
N ASN A 1010 -4.11 29.21 30.66
CA ASN A 1010 -4.92 29.17 29.46
C ASN A 1010 -4.25 29.87 28.27
N ILE A 1011 -3.82 29.06 27.30
CA ILE A 1011 -3.66 29.47 25.91
C ILE A 1011 -4.04 28.24 25.08
N SER A 1012 -5.34 28.06 24.87
CA SER A 1012 -5.85 26.82 24.30
C SER A 1012 -7.19 26.99 23.62
N ASP A 1013 -7.29 27.90 22.65
CA ASP A 1013 -8.45 27.93 21.78
C ASP A 1013 -8.71 26.54 21.20
N GLU A 1014 -7.70 25.99 20.53
CA GLU A 1014 -7.61 24.55 20.34
C GLU A 1014 -6.15 24.11 20.30
N GLU A 1015 -5.22 24.99 20.72
CA GLU A 1015 -3.80 24.71 20.60
C GLU A 1015 -3.37 23.56 21.50
N SER A 1016 -3.92 23.48 22.71
CA SER A 1016 -3.63 22.35 23.58
C SER A 1016 -4.28 21.07 23.03
N GLU A 1017 -5.47 21.21 22.44
CA GLU A 1017 -6.13 20.06 21.83
C GLU A 1017 -5.34 19.50 20.66
N GLN A 1018 -4.55 20.35 19.99
CA GLN A 1018 -3.72 19.87 18.90
C GLN A 1018 -2.60 18.96 19.41
N ALA A 1019 -1.90 19.41 20.46
CA ALA A 1019 -0.77 18.63 20.96
C ALA A 1019 -1.22 17.31 21.58
N THR A 1020 -2.43 17.27 22.13
CA THR A 1020 -2.97 15.97 22.55
C THR A 1020 -3.20 15.06 21.36
N GLU A 1021 -3.73 15.61 20.26
CA GLU A 1021 -4.00 14.80 19.08
C GLU A 1021 -2.72 14.33 18.42
N MET A 1022 -1.70 15.18 18.37
CA MET A 1022 -0.42 14.77 17.79
C MET A 1022 0.26 13.71 18.65
N LEU A 1023 0.18 13.85 19.97
CA LEU A 1023 0.70 12.81 20.86
C LEU A 1023 -0.06 11.51 20.71
N VAL A 1024 -1.35 11.58 20.38
CA VAL A 1024 -2.14 10.36 20.18
C VAL A 1024 -1.76 9.68 18.87
N HIS A 1025 -1.66 10.46 17.79
CA HIS A 1025 -1.24 9.92 16.50
C HIS A 1025 0.14 9.27 16.61
N ASN A 1026 1.11 10.03 17.12
CA ASN A 1026 2.45 9.50 17.32
C ASN A 1026 2.45 8.29 18.25
N ALA A 1027 1.56 8.29 19.25
CA ALA A 1027 1.50 7.18 20.19
C ALA A 1027 0.99 5.91 19.51
N GLN A 1028 -0.01 6.04 18.63
CA GLN A 1028 -0.51 4.88 17.90
C GLN A 1028 0.55 4.36 16.94
N ASN A 1029 1.16 5.25 16.16
CA ASN A 1029 2.16 4.82 15.19
C ASN A 1029 3.34 4.14 15.87
N LEU A 1030 3.88 4.76 16.92
CA LEU A 1030 4.94 4.12 17.71
C LEU A 1030 4.47 2.77 18.24
N MET A 1031 3.34 2.77 18.94
CA MET A 1031 2.83 1.57 19.60
C MET A 1031 2.76 0.39 18.64
N GLN A 1032 1.92 0.50 17.61
CA GLN A 1032 1.76 -0.63 16.70
C GLN A 1032 3.00 -0.88 15.87
N SER A 1033 3.88 0.13 15.72
CA SER A 1033 5.15 -0.11 15.07
C SER A 1033 6.02 -1.08 15.87
N VAL A 1034 6.09 -0.89 17.19
CA VAL A 1034 6.83 -1.85 18.01
C VAL A 1034 6.05 -3.14 18.15
N LYS A 1035 4.74 -3.13 17.94
CA LYS A 1035 3.99 -4.38 17.91
C LYS A 1035 4.41 -5.25 16.72
N GLU A 1036 4.37 -4.67 15.52
CA GLU A 1036 4.86 -5.38 14.34
C GLU A 1036 6.33 -5.76 14.51
N THR A 1037 7.11 -4.90 15.15
CA THR A 1037 8.50 -5.23 15.45
C THR A 1037 8.60 -6.45 16.37
N VAL A 1038 7.62 -6.62 17.27
CA VAL A 1038 7.65 -7.77 18.16
C VAL A 1038 7.29 -9.04 17.42
N ARG A 1039 6.18 -9.03 16.69
CA ARG A 1039 5.75 -10.22 15.97
C ARG A 1039 6.81 -10.64 14.95
N GLU A 1040 7.22 -9.71 14.08
CA GLU A 1040 8.27 -10.02 13.12
C GLU A 1040 9.59 -10.31 13.81
N ALA A 1041 9.79 -9.83 15.05
CA ALA A 1041 10.99 -10.16 15.79
C ALA A 1041 10.99 -11.64 16.18
N GLU A 1042 9.84 -12.16 16.60
CA GLU A 1042 9.74 -13.60 16.82
C GLU A 1042 9.88 -14.37 15.52
N ALA A 1043 9.34 -13.82 14.43
CA ALA A 1043 9.49 -14.47 13.13
C ALA A 1043 10.95 -14.58 12.72
N ALA A 1044 11.76 -13.58 13.06
CA ALA A 1044 13.18 -13.61 12.77
C ALA A 1044 13.96 -14.46 13.76
N SER A 1045 13.33 -14.91 14.84
CA SER A 1045 13.99 -15.75 15.82
C SER A 1045 13.81 -17.24 15.55
N ILE A 1046 12.75 -17.63 14.84
CA ILE A 1046 12.70 -18.97 14.27
C ILE A 1046 13.67 -19.11 13.12
N LYS A 1047 14.28 -18.00 12.70
CA LYS A 1047 15.36 -17.98 11.72
C LYS A 1047 14.95 -18.63 10.41
N PHE A 1054 20.24 -19.50 19.68
CA PHE A 1054 20.87 -18.19 19.67
C PHE A 1054 19.88 -17.06 19.94
N THR A 1055 20.40 -15.98 20.54
CA THR A 1055 19.69 -14.72 20.76
C THR A 1055 18.53 -15.04 21.71
N LEU A 1056 17.31 -14.66 21.35
CA LEU A 1056 16.22 -14.82 22.32
C LEU A 1056 15.54 -16.15 22.53
N ARG A 1057 14.59 -16.10 23.45
CA ARG A 1057 13.77 -17.24 23.78
C ARG A 1057 12.37 -16.71 23.67
N TRP A 1058 11.63 -17.29 22.74
CA TRP A 1058 10.29 -16.87 22.47
C TRP A 1058 9.25 -17.84 22.95
N VAL A 1059 9.49 -18.48 24.06
CA VAL A 1059 8.49 -19.42 24.53
C VAL A 1059 7.22 -18.66 24.90
N ARG A 1060 6.07 -19.26 24.62
CA ARG A 1060 4.80 -18.61 24.88
C ARG A 1060 4.43 -18.69 26.36
N LYS A 1061 3.63 -17.72 26.81
CA LYS A 1061 3.25 -17.63 28.22
C LYS A 1061 2.11 -18.60 28.55
N THR A 1062 0.95 -18.42 27.90
CA THR A 1062 -0.23 -19.15 28.32
C THR A 1062 -0.03 -20.65 28.14
N PRO A 1063 -0.45 -21.48 29.09
CA PRO A 1063 -0.23 -22.93 28.98
C PRO A 1063 -0.97 -23.49 27.78
N TRP A 1064 -0.41 -24.55 27.19
CA TRP A 1064 -0.97 -25.12 25.99
C TRP A 1064 -2.38 -25.64 26.27
N TYR A 1065 -3.34 -25.13 25.51
CA TYR A 1065 -4.72 -25.58 25.54
C TYR A 1065 -5.29 -25.30 24.15
N GLN A 1066 -4.63 -25.87 23.14
CA GLN A 1066 -4.89 -25.59 21.74
C GLN A 1066 -4.81 -24.09 21.47
#